data_7L0E
#
_entry.id   7L0E
#
_cell.length_a   175.425
_cell.length_b   175.425
_cell.length_c   86.668
_cell.angle_alpha   90.000
_cell.angle_beta   90.000
_cell.angle_gamma   120.000
#
_symmetry.space_group_name_H-M   'P 65'
#
loop_
_entity.id
_entity.type
_entity.pdbx_description
1 polymer 'Retinoid isomerohydrolase'
2 non-polymer 'FE (II) ION'
3 non-polymer 'PALMITIC ACID'
4 non-polymer (1R)-3-amino-1-{3-[(4,4-difluorocyclohexyl)methoxy]phenyl}propan-1-ol
5 non-polymer 'PHOSPHATE ION'
6 water water
#
_entity_poly.entity_id   1
_entity_poly.type   'polypeptide(L)'
_entity_poly.pdbx_seq_one_letter_code
;MSSQVEHPAGGYKKLFETVEELSSPLTAHVTGRIPLWLTGSLLRCGPGLFEVGSEPFYHLFDGQALLHKFDFKEGHVTYH
RRFIRTDAYVRAMTEKRIVITEFGTCAFPDPCKNIFSRFFSYFRGVEVTDNALVNIYPVGEDYYACTETNFITKVNPETL
ETIKQVDLCNYVSVNGATAHPHIENDGTVYNIGNCFGKNFSIAYNIVKIPPLQADKEDPISKSEIVVQFPCSDRFKPSYV
HSFGLTPNYIVFVETPVKINLFKFLSSWSLWGANYMDCFESNETMGVWLHIADKKRKKYINNKYRTSPFNLFHHINTYED
HEFLIVDLCCWKGFEFVYNYLYLANLRENWEEVKKNARKAPQPEVRRYVLPLNIDKADTGKNLVTLPNTTATAILCSDET
IWLEPEVLFSGPRQAFEFPQINYQKYGGKPYTYAYGLGLNHFVPDRLCKLNVKTKETWVWQEPDSYPSEPIFVSHPDALE
EDDGVVLSVVVSPGAGQKPAYLLILNAKDLSEVARAEVEINIPVTFHGLFKKS
;
_entity_poly.pdbx_strand_id   A,B
#
# COMPACT_ATOMS: atom_id res chain seq x y z
N SER A 3 -14.12 -14.82 0.37
CA SER A 3 -13.71 -16.00 1.19
C SER A 3 -12.69 -16.85 0.41
N GLN A 4 -11.88 -17.63 1.14
CA GLN A 4 -10.76 -18.45 0.59
C GLN A 4 -11.34 -19.59 -0.26
N VAL A 5 -10.93 -19.65 -1.55
CA VAL A 5 -11.24 -20.77 -2.48
C VAL A 5 -10.27 -21.93 -2.19
N GLU A 6 -10.79 -23.16 -2.09
CA GLU A 6 -10.02 -24.37 -1.72
C GLU A 6 -9.95 -25.32 -2.92
N HIS A 7 -8.88 -26.12 -3.01
CA HIS A 7 -8.63 -27.10 -4.10
C HIS A 7 -8.26 -28.46 -3.51
N PRO A 8 -9.11 -29.05 -2.64
CA PRO A 8 -8.78 -30.32 -1.99
C PRO A 8 -8.57 -31.50 -2.95
N ALA A 9 -9.24 -31.51 -4.11
CA ALA A 9 -9.16 -32.59 -5.13
C ALA A 9 -7.76 -32.64 -5.76
N GLY A 10 -7.00 -31.55 -5.71
CA GLY A 10 -5.58 -31.51 -6.12
C GLY A 10 -5.39 -31.59 -7.63
N GLY A 11 -6.37 -31.12 -8.41
CA GLY A 11 -6.35 -31.15 -9.89
C GLY A 11 -5.18 -30.40 -10.49
N TYR A 12 -4.66 -29.38 -9.78
CA TYR A 12 -3.53 -28.52 -10.20
C TYR A 12 -2.27 -29.36 -10.47
N LYS A 13 -2.18 -30.57 -9.92
CA LYS A 13 -1.03 -31.50 -10.14
C LYS A 13 -0.87 -31.81 -11.64
N LYS A 14 -1.96 -31.80 -12.40
CA LYS A 14 -1.94 -32.08 -13.87
C LYS A 14 -1.17 -31.00 -14.64
N LEU A 15 -1.01 -29.79 -14.06
CA LEU A 15 -0.18 -28.70 -14.64
C LEU A 15 1.27 -29.15 -14.77
N PHE A 16 1.69 -30.10 -13.93
CA PHE A 16 3.12 -30.51 -13.75
C PHE A 16 3.32 -31.99 -14.12
N GLU A 17 2.46 -32.52 -15.00
CA GLU A 17 2.52 -33.93 -15.46
C GLU A 17 2.95 -33.96 -16.94
N THR A 18 3.96 -34.76 -17.25
CA THR A 18 4.48 -35.00 -18.62
C THR A 18 3.31 -35.29 -19.57
N VAL A 19 3.39 -34.80 -20.81
CA VAL A 19 2.46 -35.13 -21.93
C VAL A 19 3.30 -35.53 -23.14
N GLU A 20 2.66 -36.16 -24.12
CA GLU A 20 3.26 -36.46 -25.45
C GLU A 20 2.86 -35.36 -26.43
N GLU A 21 3.76 -34.99 -27.33
CA GLU A 21 3.46 -34.07 -28.46
C GLU A 21 2.49 -34.78 -29.42
N LEU A 22 1.84 -34.02 -30.29
CA LEU A 22 0.94 -34.55 -31.35
C LEU A 22 1.71 -34.61 -32.67
N SER A 23 1.33 -35.51 -33.57
CA SER A 23 1.89 -35.62 -34.94
C SER A 23 1.25 -34.54 -35.83
N SER A 24 -0.02 -34.22 -35.61
CA SER A 24 -0.77 -33.16 -36.35
C SER A 24 -1.87 -32.57 -35.48
N PRO A 25 -2.42 -31.37 -35.82
CA PRO A 25 -3.43 -30.71 -34.99
C PRO A 25 -4.72 -31.50 -34.78
N LEU A 26 -5.29 -31.41 -33.57
CA LEU A 26 -6.63 -31.95 -33.19
C LEU A 26 -7.68 -30.85 -33.44
N THR A 27 -8.89 -31.25 -33.84
CA THR A 27 -10.09 -30.38 -33.85
C THR A 27 -10.62 -30.31 -32.42
N ALA A 28 -10.85 -29.09 -31.91
CA ALA A 28 -11.39 -28.84 -30.56
C ALA A 28 -12.92 -28.72 -30.67
N HIS A 29 -13.65 -29.27 -29.70
CA HIS A 29 -15.13 -29.14 -29.61
C HIS A 29 -15.48 -27.75 -29.04
N VAL A 30 -16.15 -26.93 -29.85
CA VAL A 30 -16.54 -25.53 -29.47
C VAL A 30 -17.90 -25.57 -28.75
N THR A 31 -17.97 -24.95 -27.56
CA THR A 31 -19.22 -24.55 -26.88
CA THR A 31 -19.22 -24.55 -26.89
C THR A 31 -19.29 -23.02 -26.89
N GLY A 32 -20.49 -22.44 -26.89
CA GLY A 32 -20.69 -21.00 -27.13
C GLY A 32 -20.32 -20.64 -28.56
N ARG A 33 -19.86 -19.41 -28.81
CA ARG A 33 -19.57 -18.88 -30.16
C ARG A 33 -18.18 -18.21 -30.19
N ILE A 34 -17.23 -18.79 -30.91
CA ILE A 34 -15.91 -18.16 -31.24
C ILE A 34 -16.21 -16.94 -32.12
N PRO A 35 -15.84 -15.70 -31.72
CA PRO A 35 -16.02 -14.54 -32.60
C PRO A 35 -15.41 -14.77 -33.99
N LEU A 36 -16.15 -14.42 -35.04
CA LEU A 36 -15.74 -14.67 -36.45
C LEU A 36 -14.60 -13.74 -36.86
N TRP A 37 -14.36 -12.64 -36.13
CA TRP A 37 -13.22 -11.72 -36.39
C TRP A 37 -11.92 -12.30 -35.81
N LEU A 38 -12.00 -13.30 -34.93
CA LEU A 38 -10.81 -13.94 -34.30
C LEU A 38 -10.19 -14.93 -35.30
N THR A 39 -9.13 -14.50 -35.98
CA THR A 39 -8.40 -15.25 -37.02
C THR A 39 -6.90 -15.17 -36.71
N GLY A 40 -6.27 -16.31 -36.42
CA GLY A 40 -4.83 -16.38 -36.11
C GLY A 40 -4.53 -17.50 -35.14
N SER A 41 -3.36 -17.44 -34.52
CA SER A 41 -2.74 -18.52 -33.69
C SER A 41 -2.42 -17.96 -32.30
N LEU A 42 -2.94 -18.61 -31.25
CA LEU A 42 -2.42 -18.44 -29.87
C LEU A 42 -1.23 -19.39 -29.72
N LEU A 43 -0.02 -18.84 -29.63
CA LEU A 43 1.24 -19.59 -29.41
C LEU A 43 1.69 -19.39 -27.96
N ARG A 44 1.96 -20.48 -27.24
CA ARG A 44 2.33 -20.46 -25.80
C ARG A 44 3.43 -21.49 -25.54
N CYS A 45 4.35 -21.17 -24.63
CA CYS A 45 5.49 -22.03 -24.22
C CYS A 45 5.33 -22.44 -22.76
N GLY A 46 5.73 -23.67 -22.45
CA GLY A 46 5.75 -24.22 -21.09
C GLY A 46 6.59 -25.51 -21.04
N PRO A 47 6.85 -26.04 -19.83
CA PRO A 47 7.44 -27.37 -19.68
C PRO A 47 6.41 -28.43 -20.08
N GLY A 48 6.86 -29.50 -20.74
CA GLY A 48 6.00 -30.60 -21.19
C GLY A 48 6.52 -31.97 -20.75
N LEU A 49 7.82 -32.07 -20.49
CA LEU A 49 8.51 -33.31 -20.05
C LEU A 49 9.24 -33.04 -18.74
N PHE A 50 8.77 -33.63 -17.64
CA PHE A 50 9.22 -33.30 -16.25
C PHE A 50 10.17 -34.36 -15.71
N GLU A 51 10.54 -35.33 -16.54
CA GLU A 51 11.57 -36.36 -16.22
C GLU A 51 12.09 -36.97 -17.52
N VAL A 52 13.37 -37.36 -17.54
CA VAL A 52 14.01 -38.16 -18.63
C VAL A 52 14.23 -39.57 -18.08
N GLY A 53 13.31 -40.49 -18.40
CA GLY A 53 13.29 -41.86 -17.85
C GLY A 53 13.00 -41.84 -16.36
N SER A 54 13.98 -42.24 -15.56
CA SER A 54 13.90 -42.33 -14.06
C SER A 54 14.57 -41.10 -13.42
N GLU A 55 15.17 -40.20 -14.22
CA GLU A 55 15.84 -38.97 -13.75
C GLU A 55 14.83 -37.82 -13.74
N PRO A 56 14.49 -37.27 -12.55
CA PRO A 56 13.50 -36.20 -12.45
C PRO A 56 14.11 -34.80 -12.66
N PHE A 57 13.32 -33.89 -13.23
CA PHE A 57 13.50 -32.42 -13.10
C PHE A 57 12.89 -31.98 -11.77
N TYR A 58 13.53 -31.06 -11.04
CA TYR A 58 13.15 -30.67 -9.66
C TYR A 58 12.32 -29.37 -9.64
N HIS A 59 12.61 -28.42 -10.54
CA HIS A 59 12.04 -27.04 -10.48
C HIS A 59 11.00 -26.83 -11.58
N LEU A 60 10.06 -25.91 -11.33
CA LEU A 60 9.00 -25.49 -12.28
C LEU A 60 9.62 -25.07 -13.63
N PHE A 61 10.84 -24.53 -13.63
CA PHE A 61 11.48 -23.93 -14.83
C PHE A 61 12.51 -24.89 -15.46
N ASP A 62 12.37 -26.20 -15.23
CA ASP A 62 13.35 -27.24 -15.66
C ASP A 62 12.78 -28.11 -16.79
N GLY A 63 11.48 -28.40 -16.77
CA GLY A 63 10.82 -29.27 -17.77
C GLY A 63 11.11 -28.82 -19.19
N GLN A 64 11.15 -29.76 -20.14
CA GLN A 64 11.62 -29.51 -21.53
C GLN A 64 10.55 -28.73 -22.29
N ALA A 65 10.98 -27.68 -23.01
CA ALA A 65 10.13 -26.69 -23.71
C ALA A 65 9.15 -27.40 -24.64
N LEU A 66 7.87 -27.11 -24.45
CA LEU A 66 6.74 -27.57 -25.29
C LEU A 66 6.06 -26.33 -25.90
N LEU A 67 5.95 -26.30 -27.23
CA LEU A 67 5.33 -25.19 -28.00
C LEU A 67 3.90 -25.59 -28.35
N HIS A 68 2.93 -24.78 -27.91
CA HIS A 68 1.46 -25.01 -28.05
C HIS A 68 0.89 -24.02 -29.07
N LYS A 69 -0.13 -24.44 -29.83
CA LYS A 69 -0.83 -23.57 -30.80
C LYS A 69 -2.32 -23.91 -30.82
N PHE A 70 -3.16 -22.91 -30.53
CA PHE A 70 -4.61 -22.91 -30.83
C PHE A 70 -4.82 -22.02 -32.06
N ASP A 71 -5.32 -22.60 -33.16
CA ASP A 71 -5.62 -21.88 -34.42
C ASP A 71 -7.12 -21.56 -34.47
N PHE A 72 -7.46 -20.31 -34.76
CA PHE A 72 -8.84 -19.79 -34.89
C PHE A 72 -9.08 -19.41 -36.36
N LYS A 73 -10.14 -19.95 -36.95
CA LYS A 73 -10.58 -19.66 -38.35
C LYS A 73 -12.08 -19.95 -38.47
N GLU A 74 -12.87 -18.93 -38.84
CA GLU A 74 -14.32 -19.05 -39.15
C GLU A 74 -15.05 -19.78 -38.02
N GLY A 75 -14.70 -19.49 -36.76
CA GLY A 75 -15.41 -19.96 -35.56
C GLY A 75 -15.05 -21.39 -35.18
N HIS A 76 -14.02 -21.96 -35.80
CA HIS A 76 -13.50 -23.34 -35.54
C HIS A 76 -12.09 -23.24 -34.93
N VAL A 77 -11.69 -24.23 -34.13
CA VAL A 77 -10.41 -24.20 -33.37
C VAL A 77 -9.70 -25.55 -33.51
N THR A 78 -8.38 -25.52 -33.76
CA THR A 78 -7.49 -26.70 -33.69
C THR A 78 -6.46 -26.46 -32.58
N TYR A 79 -5.97 -27.55 -31.98
CA TYR A 79 -4.87 -27.56 -31.00
C TYR A 79 -3.75 -28.44 -31.52
N HIS A 80 -2.51 -27.94 -31.45
CA HIS A 80 -1.28 -28.66 -31.84
C HIS A 80 -0.19 -28.35 -30.81
N ARG A 81 0.69 -29.31 -30.55
CA ARG A 81 1.87 -29.10 -29.68
C ARG A 81 3.03 -29.98 -30.16
N ARG A 82 4.23 -29.41 -30.12
CA ARG A 82 5.51 -30.08 -30.45
C ARG A 82 6.56 -29.66 -29.42
N PHE A 83 7.35 -30.60 -28.94
CA PHE A 83 8.56 -30.31 -28.14
C PHE A 83 9.54 -29.53 -29.03
N ILE A 84 10.16 -28.50 -28.48
CA ILE A 84 11.21 -27.71 -29.19
C ILE A 84 12.48 -28.57 -29.20
N ARG A 85 13.07 -28.76 -30.37
CA ARG A 85 14.31 -29.57 -30.56
C ARG A 85 15.52 -28.71 -30.21
N THR A 86 15.65 -28.38 -28.91
CA THR A 86 16.82 -27.69 -28.31
C THR A 86 17.95 -28.72 -28.18
N ASP A 87 19.18 -28.26 -27.94
CA ASP A 87 20.32 -29.12 -27.51
C ASP A 87 19.90 -29.92 -26.28
N ALA A 88 19.27 -29.28 -25.30
CA ALA A 88 18.83 -29.89 -24.03
C ALA A 88 17.91 -31.08 -24.30
N TYR A 89 16.93 -30.90 -25.19
CA TYR A 89 15.91 -31.94 -25.52
C TYR A 89 16.55 -33.05 -26.37
N VAL A 90 17.21 -32.66 -27.46
CA VAL A 90 17.83 -33.60 -28.47
C VAL A 90 18.84 -34.50 -27.76
N ARG A 91 19.75 -33.91 -26.98
CA ARG A 91 20.84 -34.64 -26.28
C ARG A 91 20.23 -35.54 -25.19
N ALA A 92 19.13 -35.12 -24.56
CA ALA A 92 18.39 -35.91 -23.56
C ALA A 92 17.76 -37.14 -24.23
N MET A 93 17.16 -36.97 -25.41
CA MET A 93 16.51 -38.08 -26.16
C MET A 93 17.58 -39.04 -26.69
N THR A 94 18.74 -38.51 -27.11
CA THR A 94 19.90 -39.28 -27.63
C THR A 94 20.48 -40.14 -26.50
N GLU A 95 20.87 -39.53 -25.38
CA GLU A 95 21.60 -40.20 -24.28
C GLU A 95 20.62 -40.82 -23.26
N LYS A 96 19.31 -40.58 -23.42
CA LYS A 96 18.23 -41.14 -22.55
C LYS A 96 18.51 -40.78 -21.08
N ARG A 97 19.03 -39.56 -20.84
CA ARG A 97 19.32 -39.04 -19.48
C ARG A 97 19.30 -37.51 -19.53
N ILE A 98 19.39 -36.83 -18.37
CA ILE A 98 19.52 -35.35 -18.29
C ILE A 98 20.99 -34.99 -18.59
N VAL A 99 21.23 -34.32 -19.72
CA VAL A 99 22.60 -34.00 -20.22
C VAL A 99 22.98 -32.57 -19.81
N ILE A 100 22.08 -31.62 -20.01
CA ILE A 100 22.32 -30.17 -19.75
C ILE A 100 21.71 -29.81 -18.39
N THR A 101 22.47 -29.08 -17.56
CA THR A 101 22.00 -28.53 -16.26
C THR A 101 20.86 -27.53 -16.55
N GLU A 102 19.70 -27.73 -15.91
CA GLU A 102 18.54 -26.80 -15.97
C GLU A 102 18.56 -25.89 -14.74
N PHE A 103 17.66 -24.91 -14.70
CA PHE A 103 17.57 -23.88 -13.63
C PHE A 103 17.80 -24.52 -12.25
N GLY A 104 17.01 -25.54 -11.91
CA GLY A 104 17.05 -26.19 -10.59
C GLY A 104 17.35 -27.69 -10.63
N THR A 105 17.97 -28.18 -11.70
CA THR A 105 18.37 -29.61 -11.83
C THR A 105 19.78 -29.71 -12.43
N CYS A 106 20.75 -30.17 -11.63
N CYS A 106 20.74 -30.17 -11.63
CA CYS A 106 22.13 -30.46 -12.07
CA CYS A 106 22.14 -30.49 -12.05
C CYS A 106 22.13 -31.75 -12.90
C CYS A 106 22.12 -31.76 -12.91
N ALA A 107 22.81 -31.73 -14.04
CA ALA A 107 23.07 -32.93 -14.88
C ALA A 107 24.34 -33.62 -14.37
N PHE A 108 24.33 -34.95 -14.28
CA PHE A 108 25.47 -35.78 -13.81
C PHE A 108 25.95 -36.68 -14.94
N PHE A 123 36.86 -30.90 -21.59
CA PHE A 123 35.46 -30.38 -21.52
C PHE A 123 35.28 -29.27 -22.57
N ARG A 124 34.08 -29.17 -23.16
CA ARG A 124 33.68 -28.03 -24.01
C ARG A 124 33.50 -26.77 -23.14
N GLY A 125 33.32 -26.96 -21.84
CA GLY A 125 33.16 -25.90 -20.82
C GLY A 125 31.81 -25.99 -20.13
N VAL A 126 31.28 -24.84 -19.70
CA VAL A 126 29.90 -24.70 -19.14
C VAL A 126 28.91 -24.75 -20.31
N GLU A 127 28.12 -25.83 -20.40
CA GLU A 127 27.04 -25.99 -21.41
C GLU A 127 25.77 -25.34 -20.87
N VAL A 128 25.49 -24.09 -21.30
CA VAL A 128 24.34 -23.27 -20.84
C VAL A 128 23.07 -23.81 -21.50
N THR A 129 21.98 -23.94 -20.73
CA THR A 129 20.67 -24.48 -21.21
C THR A 129 20.10 -23.54 -22.28
N ASP A 130 19.51 -24.13 -23.32
CA ASP A 130 18.74 -23.46 -24.40
C ASP A 130 17.29 -23.95 -24.34
N ASN A 131 16.89 -24.54 -23.20
CA ASN A 131 15.51 -25.01 -22.93
C ASN A 131 14.57 -23.80 -22.94
N ALA A 132 13.94 -23.53 -24.10
CA ALA A 132 13.18 -22.29 -24.39
C ALA A 132 11.71 -22.46 -23.96
N LEU A 133 11.47 -22.65 -22.66
CA LEU A 133 10.14 -23.05 -22.13
C LEU A 133 9.31 -21.82 -21.69
N VAL A 134 9.83 -20.60 -21.80
CA VAL A 134 9.27 -19.40 -21.10
C VAL A 134 8.34 -18.60 -22.03
N ASN A 135 8.81 -18.21 -23.22
CA ASN A 135 8.07 -17.26 -24.09
C ASN A 135 8.46 -17.46 -25.57
N ILE A 136 7.69 -16.82 -26.45
CA ILE A 136 7.95 -16.74 -27.92
C ILE A 136 7.66 -15.30 -28.35
N TYR A 137 8.51 -14.72 -29.19
CA TYR A 137 8.35 -13.33 -29.70
C TYR A 137 8.86 -13.18 -31.13
N PRO A 138 8.32 -12.18 -31.87
CA PRO A 138 8.75 -11.94 -33.25
C PRO A 138 10.03 -11.08 -33.33
N VAL A 139 10.91 -11.45 -34.27
CA VAL A 139 12.06 -10.65 -34.75
C VAL A 139 12.02 -10.67 -36.28
N GLY A 140 11.89 -9.51 -36.93
CA GLY A 140 11.60 -9.43 -38.38
C GLY A 140 10.42 -10.30 -38.73
N GLU A 141 10.59 -11.22 -39.68
CA GLU A 141 9.53 -12.17 -40.15
C GLU A 141 9.59 -13.47 -39.36
N ASP A 142 10.51 -13.58 -38.39
CA ASP A 142 10.82 -14.84 -37.65
C ASP A 142 10.19 -14.80 -36.25
N TYR A 143 10.02 -15.98 -35.65
CA TYR A 143 9.57 -16.18 -34.25
C TYR A 143 10.62 -17.00 -33.50
N TYR A 144 10.91 -16.57 -32.27
CA TYR A 144 11.92 -17.19 -31.38
C TYR A 144 11.26 -17.55 -30.04
N ALA A 145 11.31 -18.84 -29.69
CA ALA A 145 11.10 -19.33 -28.32
C ALA A 145 12.35 -18.98 -27.51
N CYS A 146 12.20 -18.66 -26.23
CA CYS A 146 13.33 -18.26 -25.36
C CYS A 146 13.14 -18.80 -23.95
N THR A 147 14.26 -18.87 -23.23
CA THR A 147 14.35 -18.85 -21.75
C THR A 147 15.00 -17.50 -21.41
N GLU A 148 16.00 -17.48 -20.52
CA GLU A 148 16.64 -16.24 -20.05
C GLU A 148 18.15 -16.31 -20.24
N THR A 149 18.63 -17.21 -21.10
CA THR A 149 20.07 -17.40 -21.39
C THR A 149 20.43 -16.68 -22.70
N ASN A 150 21.64 -16.93 -23.21
CA ASN A 150 22.18 -16.33 -24.46
C ASN A 150 21.60 -17.06 -25.68
N PHE A 151 20.94 -18.20 -25.48
CA PHE A 151 20.40 -19.09 -26.54
C PHE A 151 18.90 -18.87 -26.71
N ILE A 152 18.47 -18.44 -27.91
CA ILE A 152 17.04 -18.43 -28.33
C ILE A 152 16.89 -19.37 -29.52
N THR A 153 15.67 -19.89 -29.73
CA THR A 153 15.39 -20.98 -30.71
C THR A 153 14.38 -20.47 -31.74
N LYS A 154 14.81 -20.31 -32.99
CA LYS A 154 13.91 -19.98 -34.12
C LYS A 154 12.96 -21.17 -34.33
N VAL A 155 11.65 -20.89 -34.39
CA VAL A 155 10.58 -21.92 -34.55
C VAL A 155 9.66 -21.48 -35.68
N ASN A 156 9.02 -22.46 -36.33
CA ASN A 156 8.01 -22.25 -37.40
C ASN A 156 6.65 -22.09 -36.72
N PRO A 157 6.02 -20.89 -36.79
CA PRO A 157 4.76 -20.65 -36.06
C PRO A 157 3.56 -21.40 -36.64
N GLU A 158 3.68 -21.97 -37.85
CA GLU A 158 2.59 -22.72 -38.54
C GLU A 158 2.69 -24.21 -38.24
N THR A 159 3.89 -24.80 -38.31
CA THR A 159 4.13 -26.26 -38.16
C THR A 159 4.65 -26.58 -36.75
N LEU A 160 5.17 -25.58 -36.02
CA LEU A 160 5.80 -25.71 -34.67
C LEU A 160 7.12 -26.50 -34.78
N GLU A 161 7.70 -26.56 -35.98
CA GLU A 161 9.03 -27.19 -36.21
C GLU A 161 10.12 -26.28 -35.65
N THR A 162 11.19 -26.86 -35.11
CA THR A 162 12.39 -26.14 -34.63
C THR A 162 13.29 -25.87 -35.84
N ILE A 163 13.71 -24.62 -36.04
CA ILE A 163 14.48 -24.22 -37.24
C ILE A 163 15.97 -24.13 -36.88
N LYS A 164 16.34 -23.35 -35.87
CA LYS A 164 17.77 -23.22 -35.48
C LYS A 164 17.94 -22.61 -34.09
N GLN A 165 19.10 -22.87 -33.50
CA GLN A 165 19.58 -22.23 -32.25
C GLN A 165 20.37 -20.97 -32.64
N VAL A 166 20.13 -19.87 -31.94
CA VAL A 166 20.85 -18.57 -32.10
C VAL A 166 21.54 -18.24 -30.77
N ASP A 167 22.84 -17.93 -30.83
CA ASP A 167 23.65 -17.48 -29.67
C ASP A 167 23.78 -15.95 -29.75
N LEU A 168 23.10 -15.22 -28.87
CA LEU A 168 23.08 -13.73 -28.86
C LEU A 168 24.49 -13.20 -28.62
N CYS A 169 25.35 -13.98 -27.96
CA CYS A 169 26.77 -13.64 -27.68
C CYS A 169 27.58 -13.53 -28.98
N ASN A 170 27.11 -14.15 -30.07
CA ASN A 170 27.71 -14.04 -31.42
C ASN A 170 27.46 -12.64 -32.00
N TYR A 171 26.54 -11.86 -31.42
CA TYR A 171 26.03 -10.58 -31.99
C TYR A 171 26.25 -9.41 -31.04
N VAL A 172 26.06 -9.59 -29.72
CA VAL A 172 26.11 -8.47 -28.73
C VAL A 172 26.74 -8.96 -27.42
N SER A 173 27.26 -8.02 -26.63
CA SER A 173 27.92 -8.25 -25.32
C SER A 173 26.87 -8.35 -24.21
N VAL A 174 26.23 -9.52 -24.06
CA VAL A 174 25.35 -9.88 -22.91
C VAL A 174 25.61 -11.34 -22.54
N ASN A 175 25.44 -11.69 -21.27
CA ASN A 175 25.59 -13.09 -20.74
C ASN A 175 24.26 -13.84 -20.90
N GLY A 176 23.16 -13.09 -20.99
CA GLY A 176 21.80 -13.59 -21.27
C GLY A 176 20.88 -12.44 -21.63
N ALA A 177 19.61 -12.72 -21.89
CA ALA A 177 18.56 -11.71 -22.12
C ALA A 177 17.24 -12.27 -21.58
N THR A 178 16.34 -11.40 -21.12
CA THR A 178 15.06 -11.80 -20.48
C THR A 178 14.16 -12.45 -21.54
N ALA A 179 13.12 -13.15 -21.08
CA ALA A 179 12.04 -13.72 -21.91
C ALA A 179 10.95 -12.67 -22.16
N HIS A 180 11.20 -11.40 -21.82
CA HIS A 180 10.21 -10.29 -21.92
C HIS A 180 10.80 -9.11 -22.68
N PRO A 181 11.21 -9.31 -23.95
CA PRO A 181 11.58 -8.18 -24.81
C PRO A 181 10.34 -7.30 -25.03
N HIS A 182 10.56 -5.99 -25.17
CA HIS A 182 9.54 -5.02 -25.65
C HIS A 182 9.61 -4.97 -27.18
N ILE A 183 8.46 -5.03 -27.85
CA ILE A 183 8.30 -4.96 -29.32
C ILE A 183 7.57 -3.65 -29.66
N GLU A 184 8.25 -2.69 -30.28
CA GLU A 184 7.61 -1.44 -30.80
C GLU A 184 6.76 -1.81 -32.03
N ASN A 185 5.86 -0.91 -32.45
CA ASN A 185 4.86 -1.19 -33.51
C ASN A 185 5.56 -1.43 -34.86
N ASP A 186 6.73 -0.84 -35.09
CA ASP A 186 7.51 -0.99 -36.35
C ASP A 186 8.32 -2.30 -36.34
N GLY A 187 8.32 -3.05 -35.23
CA GLY A 187 8.98 -4.37 -35.13
C GLY A 187 10.33 -4.31 -34.42
N THR A 188 10.79 -3.12 -34.02
CA THR A 188 12.00 -2.91 -33.20
C THR A 188 11.85 -3.69 -31.89
N VAL A 189 12.87 -4.47 -31.52
CA VAL A 189 12.89 -5.30 -30.29
C VAL A 189 13.91 -4.69 -29.33
N TYR A 190 13.50 -4.44 -28.09
CA TYR A 190 14.37 -4.01 -26.97
C TYR A 190 14.40 -5.14 -25.95
N ASN A 191 15.57 -5.40 -25.36
CA ASN A 191 15.74 -6.39 -24.28
C ASN A 191 16.86 -5.92 -23.36
N ILE A 192 16.97 -6.57 -22.20
CA ILE A 192 18.02 -6.27 -21.17
C ILE A 192 18.67 -7.60 -20.77
N GLY A 193 19.96 -7.55 -20.44
CA GLY A 193 20.73 -8.71 -19.95
C GLY A 193 21.90 -8.27 -19.10
N ASN A 194 22.34 -9.15 -18.19
CA ASN A 194 23.60 -8.98 -17.41
C ASN A 194 24.77 -8.97 -18.39
N CYS A 195 25.81 -8.17 -18.13
CA CYS A 195 27.03 -8.03 -18.97
C CYS A 195 28.24 -7.65 -18.12
N PHE A 196 29.40 -7.50 -18.78
CA PHE A 196 30.69 -7.02 -18.19
C PHE A 196 31.02 -5.65 -18.79
N SER A 201 34.01 -4.43 -14.31
CA SER A 201 32.75 -4.12 -13.59
C SER A 201 31.54 -4.75 -14.30
N ILE A 202 30.66 -5.39 -13.53
CA ILE A 202 29.36 -5.96 -13.99
C ILE A 202 28.40 -4.79 -14.27
N ALA A 203 27.57 -4.92 -15.31
CA ALA A 203 26.53 -3.93 -15.68
C ALA A 203 25.34 -4.64 -16.35
N TYR A 204 24.32 -3.88 -16.74
CA TYR A 204 23.14 -4.39 -17.48
C TYR A 204 23.04 -3.63 -18.80
N ASN A 205 23.00 -4.34 -19.93
CA ASN A 205 23.00 -3.77 -21.29
C ASN A 205 21.59 -3.86 -21.88
N ILE A 206 21.12 -2.75 -22.46
CA ILE A 206 19.90 -2.74 -23.31
C ILE A 206 20.33 -3.09 -24.73
N VAL A 207 19.78 -4.18 -25.26
CA VAL A 207 19.97 -4.65 -26.65
C VAL A 207 18.81 -4.10 -27.48
N LYS A 208 19.11 -3.58 -28.68
CA LYS A 208 18.13 -3.14 -29.69
C LYS A 208 18.31 -3.99 -30.95
N ILE A 209 17.26 -4.68 -31.38
CA ILE A 209 17.19 -5.40 -32.69
C ILE A 209 16.29 -4.59 -33.61
N PRO A 210 16.81 -4.07 -34.75
CA PRO A 210 16.02 -3.22 -35.63
C PRO A 210 14.94 -4.00 -36.39
N PRO A 211 13.96 -3.31 -37.00
CA PRO A 211 12.99 -3.97 -37.87
C PRO A 211 13.67 -4.57 -39.11
N LEU A 212 13.02 -5.54 -39.77
CA LEU A 212 13.49 -6.08 -41.08
C LEU A 212 13.51 -4.92 -42.09
N GLN A 213 14.67 -4.69 -42.74
CA GLN A 213 14.86 -3.61 -43.74
C GLN A 213 14.59 -4.16 -45.15
N ALA A 214 14.66 -3.29 -46.16
CA ALA A 214 14.50 -3.62 -47.60
C ALA A 214 15.55 -4.64 -48.01
N ASP A 215 16.79 -4.51 -47.51
CA ASP A 215 17.94 -5.41 -47.82
C ASP A 215 17.64 -6.85 -47.37
N LYS A 216 16.69 -7.03 -46.43
CA LYS A 216 16.11 -8.33 -46.03
C LYS A 216 17.12 -9.17 -45.22
N GLU A 217 18.22 -8.57 -44.75
CA GLU A 217 19.24 -9.25 -43.93
C GLU A 217 18.67 -9.52 -42.53
N ASP A 218 19.13 -10.58 -41.87
CA ASP A 218 18.66 -11.03 -40.53
C ASP A 218 18.82 -9.86 -39.56
N PRO A 219 17.72 -9.33 -38.97
CA PRO A 219 17.83 -8.21 -38.03
C PRO A 219 18.74 -8.48 -36.82
N ILE A 220 18.88 -9.74 -36.39
CA ILE A 220 19.74 -10.11 -35.21
C ILE A 220 21.20 -9.76 -35.53
N SER A 221 21.62 -9.83 -36.80
CA SER A 221 23.00 -9.47 -37.23
C SER A 221 23.22 -7.96 -37.17
N LYS A 222 22.17 -7.16 -36.99
CA LYS A 222 22.25 -5.68 -36.82
C LYS A 222 21.97 -5.28 -35.36
N SER A 223 21.98 -6.25 -34.43
CA SER A 223 21.82 -6.04 -32.97
C SER A 223 22.92 -5.10 -32.46
N GLU A 224 22.59 -4.21 -31.52
CA GLU A 224 23.55 -3.28 -30.88
C GLU A 224 23.12 -3.01 -29.43
N ILE A 225 24.09 -2.68 -28.58
CA ILE A 225 23.86 -2.15 -27.20
C ILE A 225 23.64 -0.64 -27.32
N VAL A 226 22.47 -0.15 -26.91
CA VAL A 226 22.10 1.29 -27.02
C VAL A 226 22.41 2.03 -25.70
N VAL A 227 22.30 1.37 -24.55
CA VAL A 227 22.61 2.02 -23.24
C VAL A 227 22.94 0.94 -22.20
N GLN A 228 23.70 1.33 -21.18
CA GLN A 228 24.16 0.46 -20.07
C GLN A 228 23.68 1.05 -18.74
N PHE A 229 23.10 0.21 -17.89
CA PHE A 229 22.74 0.54 -16.49
C PHE A 229 23.87 0.06 -15.57
N PRO A 230 24.26 0.85 -14.55
CA PRO A 230 25.26 0.41 -13.58
C PRO A 230 24.66 -0.65 -12.64
N CYS A 231 25.53 -1.38 -11.94
N CYS A 231 25.53 -1.37 -11.93
CA CYS A 231 25.17 -2.42 -10.96
CA CYS A 231 25.17 -2.42 -10.96
C CYS A 231 25.46 -1.95 -9.54
C CYS A 231 25.45 -1.94 -9.53
N SER A 232 24.58 -2.29 -8.58
CA SER A 232 24.67 -1.88 -7.15
C SER A 232 25.88 -2.55 -6.49
N ASP A 233 26.24 -3.75 -6.96
CA ASP A 233 27.35 -4.56 -6.42
C ASP A 233 28.32 -4.86 -7.57
N ARG A 234 29.59 -4.52 -7.39
CA ARG A 234 30.66 -4.67 -8.41
C ARG A 234 30.64 -6.08 -9.02
N PHE A 235 30.44 -7.12 -8.20
CA PHE A 235 30.63 -8.54 -8.57
C PHE A 235 29.32 -9.35 -8.60
N LYS A 236 28.18 -8.75 -8.24
CA LYS A 236 26.89 -9.47 -8.12
C LYS A 236 25.78 -8.71 -8.83
N PRO A 237 25.39 -9.12 -10.06
CA PRO A 237 24.24 -8.54 -10.74
C PRO A 237 22.94 -9.02 -10.08
N SER A 238 21.90 -8.19 -10.10
CA SER A 238 20.52 -8.59 -9.72
C SER A 238 19.95 -9.48 -10.82
N TYR A 239 19.10 -10.42 -10.43
CA TYR A 239 18.21 -11.16 -11.34
C TYR A 239 17.26 -10.14 -11.98
N VAL A 240 17.13 -10.16 -13.31
CA VAL A 240 16.20 -9.26 -14.06
C VAL A 240 15.33 -10.15 -14.93
N HIS A 241 14.01 -10.02 -14.78
CA HIS A 241 13.00 -10.84 -15.49
C HIS A 241 12.32 -10.02 -16.59
N SER A 242 12.18 -8.71 -16.39
CA SER A 242 11.49 -7.78 -17.30
C SER A 242 11.95 -6.36 -17.01
N PHE A 243 11.51 -5.40 -17.83
CA PHE A 243 11.87 -3.97 -17.71
C PHE A 243 10.73 -3.14 -18.33
N GLY A 244 10.78 -1.83 -18.12
CA GLY A 244 9.76 -0.88 -18.60
C GLY A 244 10.27 -0.11 -19.81
N LEU A 245 9.38 0.20 -20.75
CA LEU A 245 9.71 1.00 -21.96
C LEU A 245 8.57 1.98 -22.25
N THR A 246 8.91 3.24 -22.47
CA THR A 246 8.00 4.31 -22.96
C THR A 246 8.58 4.82 -24.27
N PRO A 247 7.90 5.73 -25.00
CA PRO A 247 8.49 6.35 -26.18
C PRO A 247 9.87 6.96 -25.90
N ASN A 248 10.07 7.54 -24.71
CA ASN A 248 11.27 8.38 -24.40
C ASN A 248 12.16 7.74 -23.34
N TYR A 249 11.70 6.72 -22.60
CA TYR A 249 12.45 6.21 -21.42
C TYR A 249 12.45 4.68 -21.35
N ILE A 250 13.53 4.18 -20.76
CA ILE A 250 13.72 2.76 -20.35
C ILE A 250 13.79 2.75 -18.83
N VAL A 251 12.98 1.90 -18.18
CA VAL A 251 12.97 1.75 -16.70
C VAL A 251 13.47 0.35 -16.35
N PHE A 252 14.49 0.29 -15.49
CA PHE A 252 15.08 -0.96 -14.98
C PHE A 252 14.97 -0.95 -13.45
N VAL A 253 14.42 -2.02 -12.88
CA VAL A 253 14.25 -2.18 -11.41
C VAL A 253 15.27 -3.21 -10.92
N GLU A 254 16.25 -2.74 -10.15
CA GLU A 254 17.34 -3.57 -9.57
C GLU A 254 16.89 -4.04 -8.18
N THR A 255 16.59 -5.33 -8.05
CA THR A 255 16.01 -5.96 -6.84
C THR A 255 17.11 -6.55 -5.99
N PRO A 256 16.83 -6.86 -4.70
CA PRO A 256 17.82 -7.48 -3.82
C PRO A 256 18.09 -8.97 -4.08
N VAL A 257 17.45 -9.58 -5.08
CA VAL A 257 17.76 -10.96 -5.54
C VAL A 257 19.03 -10.90 -6.40
N LYS A 258 20.15 -11.39 -5.88
CA LYS A 258 21.50 -11.25 -6.50
C LYS A 258 21.97 -12.62 -7.00
N ILE A 259 22.74 -12.60 -8.10
CA ILE A 259 23.46 -13.79 -8.65
C ILE A 259 24.90 -13.72 -8.13
N ASN A 260 25.31 -14.71 -7.35
CA ASN A 260 26.68 -14.83 -6.79
C ASN A 260 27.55 -15.57 -7.80
N LEU A 261 28.28 -14.82 -8.64
CA LEU A 261 29.14 -15.35 -9.74
C LEU A 261 30.28 -16.19 -9.16
N PHE A 262 30.66 -15.97 -7.88
CA PHE A 262 31.64 -16.79 -7.13
C PHE A 262 30.99 -18.11 -6.67
N LYS A 263 30.26 -18.78 -7.57
CA LYS A 263 29.65 -20.12 -7.33
C LYS A 263 29.49 -20.87 -8.66
N GLY A 272 27.93 -30.22 -10.16
CA GLY A 272 27.47 -30.16 -8.75
C GLY A 272 26.41 -29.09 -8.53
N ALA A 273 26.63 -27.89 -9.05
CA ALA A 273 25.77 -26.70 -8.82
C ALA A 273 24.82 -26.49 -10.01
N ASN A 274 23.62 -25.99 -9.74
CA ASN A 274 22.64 -25.51 -10.76
C ASN A 274 22.54 -23.99 -10.65
N TYR A 275 21.63 -23.36 -11.40
CA TYR A 275 21.45 -21.89 -11.44
C TYR A 275 20.89 -21.41 -10.08
N MET A 276 19.86 -22.10 -9.57
CA MET A 276 19.20 -21.76 -8.26
C MET A 276 20.25 -21.60 -7.17
N ASP A 277 21.27 -22.47 -7.14
CA ASP A 277 22.32 -22.50 -6.10
C ASP A 277 23.12 -21.18 -6.05
N CYS A 278 23.08 -20.38 -7.11
CA CYS A 278 23.91 -19.15 -7.26
C CYS A 278 23.18 -17.91 -6.74
N PHE A 279 21.88 -18.01 -6.46
CA PHE A 279 21.04 -16.85 -6.03
C PHE A 279 21.17 -16.63 -4.52
N GLU A 280 21.22 -15.36 -4.11
CA GLU A 280 21.21 -14.94 -2.68
C GLU A 280 20.47 -13.61 -2.58
N SER A 281 19.99 -13.27 -1.39
CA SER A 281 19.23 -12.03 -1.11
C SER A 281 20.15 -11.03 -0.41
N ASN A 282 20.27 -9.82 -0.95
CA ASN A 282 20.93 -8.68 -0.27
C ASN A 282 19.90 -8.05 0.68
N GLU A 283 20.19 -8.04 1.98
CA GLU A 283 19.22 -7.71 3.05
C GLU A 283 19.09 -6.20 3.22
N THR A 284 20.09 -5.40 2.83
CA THR A 284 20.20 -3.96 3.21
C THR A 284 19.93 -3.01 2.03
N MET A 285 20.06 -3.45 0.77
CA MET A 285 20.04 -2.51 -0.39
C MET A 285 18.61 -2.06 -0.72
N GLY A 286 17.59 -2.85 -0.38
CA GLY A 286 16.20 -2.62 -0.84
C GLY A 286 16.12 -2.71 -2.36
N VAL A 287 15.31 -1.86 -2.98
CA VAL A 287 15.15 -1.82 -4.47
C VAL A 287 15.70 -0.48 -4.99
N TRP A 288 16.54 -0.56 -6.02
CA TRP A 288 17.08 0.61 -6.77
C TRP A 288 16.35 0.69 -8.11
N LEU A 289 15.72 1.83 -8.42
CA LEU A 289 15.06 2.03 -9.73
C LEU A 289 15.93 2.94 -10.59
N HIS A 290 16.01 2.63 -11.88
CA HIS A 290 16.95 3.23 -12.85
C HIS A 290 16.14 3.67 -14.08
N ILE A 291 16.41 4.87 -14.58
CA ILE A 291 15.83 5.35 -15.87
C ILE A 291 16.98 5.70 -16.81
N ALA A 292 16.78 5.43 -18.10
CA ALA A 292 17.68 5.86 -19.20
C ALA A 292 16.83 6.59 -20.23
N ASP A 293 17.40 7.66 -20.79
CA ASP A 293 16.84 8.37 -21.98
C ASP A 293 17.00 7.44 -23.18
N LYS A 294 15.89 6.99 -23.75
CA LYS A 294 15.86 6.00 -24.86
C LYS A 294 16.47 6.61 -26.13
N LYS A 295 16.08 7.85 -26.47
CA LYS A 295 16.44 8.50 -27.75
C LYS A 295 17.86 9.06 -27.71
N ARG A 296 18.28 9.61 -26.56
CA ARG A 296 19.67 10.16 -26.38
C ARG A 296 20.62 9.06 -25.90
N LYS A 297 20.09 7.86 -25.62
CA LYS A 297 20.89 6.65 -25.27
C LYS A 297 21.81 6.96 -24.09
N LYS A 298 21.27 7.54 -23.02
CA LYS A 298 22.04 8.04 -21.85
C LYS A 298 21.36 7.55 -20.56
N TYR A 299 22.13 6.94 -19.66
CA TYR A 299 21.71 6.66 -18.26
C TYR A 299 21.49 7.99 -17.54
N ILE A 300 20.39 8.13 -16.80
CA ILE A 300 20.10 9.33 -15.95
C ILE A 300 20.45 8.98 -14.50
N ASN A 301 21.30 9.78 -13.87
N ASN A 301 21.31 9.80 -13.88
CA ASN A 301 21.87 9.51 -12.52
CA ASN A 301 21.88 9.55 -12.52
C ASN A 301 20.91 10.03 -11.45
C ASN A 301 20.90 10.04 -11.44
N ASN A 302 19.65 9.58 -11.48
CA ASN A 302 18.64 9.81 -10.42
C ASN A 302 18.64 8.55 -9.54
N LYS A 303 18.94 8.70 -8.24
CA LYS A 303 19.07 7.57 -7.28
C LYS A 303 17.70 7.28 -6.64
N TYR A 304 16.80 6.65 -7.40
CA TYR A 304 15.47 6.20 -6.91
C TYR A 304 15.69 4.97 -6.01
N ARG A 305 15.10 4.99 -4.82
CA ARG A 305 15.28 3.95 -3.78
C ARG A 305 13.92 3.63 -3.15
N THR A 306 13.67 2.36 -2.84
CA THR A 306 12.49 1.96 -2.04
C THR A 306 12.79 0.67 -1.27
N SER A 307 11.78 0.18 -0.55
N SER A 307 11.78 0.18 -0.55
CA SER A 307 11.85 -1.03 0.33
CA SER A 307 11.84 -1.03 0.31
C SER A 307 12.02 -2.28 -0.53
C SER A 307 12.02 -2.28 -0.54
N PRO A 308 12.52 -3.40 0.03
CA PRO A 308 12.75 -4.62 -0.74
C PRO A 308 11.48 -5.32 -1.24
N PHE A 309 11.51 -5.76 -2.51
CA PHE A 309 10.52 -6.68 -3.11
C PHE A 309 11.21 -7.47 -4.22
N ASN A 310 10.66 -8.66 -4.54
CA ASN A 310 10.91 -9.38 -5.81
C ASN A 310 10.03 -8.73 -6.89
N LEU A 311 10.55 -8.65 -8.12
CA LEU A 311 9.77 -8.22 -9.30
C LEU A 311 10.06 -9.19 -10.44
N PHE A 312 9.02 -9.77 -11.02
CA PHE A 312 9.11 -10.58 -12.28
C PHE A 312 8.54 -9.73 -13.41
N HIS A 313 7.31 -9.24 -13.28
CA HIS A 313 6.54 -8.63 -14.39
C HIS A 313 6.21 -7.17 -14.12
N HIS A 314 6.79 -6.27 -14.92
CA HIS A 314 6.23 -4.93 -15.23
C HIS A 314 4.85 -5.13 -15.85
N ILE A 315 3.86 -4.33 -15.46
CA ILE A 315 2.50 -4.35 -16.10
C ILE A 315 2.55 -3.39 -17.30
N ASN A 316 2.85 -2.12 -17.04
CA ASN A 316 2.98 -1.07 -18.07
C ASN A 316 3.73 0.11 -17.44
N THR A 317 4.31 0.93 -18.30
CA THR A 317 5.06 2.16 -17.94
C THR A 317 4.58 3.27 -18.87
N TYR A 318 4.42 4.50 -18.38
CA TYR A 318 4.07 5.64 -19.24
C TYR A 318 4.51 6.95 -18.60
N GLU A 319 4.55 7.99 -19.43
CA GLU A 319 4.96 9.36 -19.07
C GLU A 319 3.69 10.17 -18.78
N ASP A 320 3.71 10.95 -17.70
CA ASP A 320 2.61 11.85 -17.29
C ASP A 320 3.26 13.12 -16.75
N HIS A 321 3.27 14.20 -17.55
CA HIS A 321 3.82 15.53 -17.17
C HIS A 321 5.19 15.41 -16.50
N GLU A 322 6.16 14.73 -17.11
CA GLU A 322 7.56 14.66 -16.57
C GLU A 322 7.59 13.84 -15.28
N PHE A 323 6.70 12.87 -15.15
CA PHE A 323 6.78 11.73 -14.20
C PHE A 323 6.67 10.45 -15.01
N LEU A 324 7.40 9.41 -14.61
CA LEU A 324 7.20 8.02 -15.10
C LEU A 324 6.27 7.29 -14.12
N ILE A 325 5.16 6.78 -14.65
CA ILE A 325 4.21 5.90 -13.95
C ILE A 325 4.68 4.47 -14.20
N VAL A 326 5.06 3.75 -13.13
CA VAL A 326 5.68 2.40 -13.19
C VAL A 326 4.78 1.43 -12.43
N ASP A 327 3.95 0.68 -13.17
CA ASP A 327 3.00 -0.32 -12.59
C ASP A 327 3.70 -1.69 -12.58
N LEU A 328 3.78 -2.31 -11.40
CA LEU A 328 4.59 -3.52 -11.12
C LEU A 328 3.75 -4.57 -10.40
N CYS A 329 3.98 -5.85 -10.72
CA CYS A 329 3.58 -7.00 -9.89
C CYS A 329 4.71 -7.32 -8.92
N CYS A 330 4.54 -6.93 -7.66
CA CYS A 330 5.60 -7.04 -6.62
C CYS A 330 5.33 -8.23 -5.71
N TRP A 331 6.40 -8.72 -5.09
CA TRP A 331 6.37 -9.71 -3.98
C TRP A 331 7.14 -9.10 -2.80
N LYS A 332 6.44 -8.80 -1.71
CA LYS A 332 6.98 -8.02 -0.56
C LYS A 332 7.96 -8.90 0.22
N GLY A 333 9.23 -8.50 0.26
CA GLY A 333 10.34 -9.22 0.92
C GLY A 333 11.51 -9.39 -0.02
N PHE A 334 12.66 -9.82 0.49
CA PHE A 334 13.88 -10.01 -0.33
C PHE A 334 14.15 -11.49 -0.60
N GLU A 335 13.45 -12.41 0.08
CA GLU A 335 13.59 -13.86 -0.19
C GLU A 335 13.14 -14.12 -1.64
N PHE A 336 13.91 -14.91 -2.38
CA PHE A 336 13.64 -15.26 -3.80
C PHE A 336 12.38 -16.12 -3.86
N VAL A 337 11.35 -15.63 -4.54
CA VAL A 337 10.03 -16.31 -4.70
C VAL A 337 10.23 -17.68 -5.36
N TYR A 338 11.26 -17.84 -6.20
CA TYR A 338 11.53 -19.10 -6.96
C TYR A 338 11.82 -20.26 -5.99
N ASN A 339 12.23 -19.96 -4.74
CA ASN A 339 12.44 -20.97 -3.67
C ASN A 339 11.15 -21.78 -3.42
N TYR A 340 9.98 -21.22 -3.74
CA TYR A 340 8.65 -21.81 -3.44
C TYR A 340 8.10 -22.57 -4.66
N LEU A 341 8.87 -22.72 -5.74
CA LEU A 341 8.35 -23.23 -7.04
C LEU A 341 9.06 -24.52 -7.46
N TYR A 342 9.58 -25.32 -6.52
CA TYR A 342 10.05 -26.71 -6.77
C TYR A 342 8.81 -27.58 -7.02
N LEU A 343 8.91 -28.50 -7.98
CA LEU A 343 7.77 -29.35 -8.43
C LEU A 343 7.24 -30.19 -7.26
N ALA A 344 8.12 -30.68 -6.38
CA ALA A 344 7.77 -31.48 -5.19
C ALA A 344 6.76 -30.71 -4.33
N ASN A 345 6.94 -29.39 -4.21
CA ASN A 345 6.08 -28.51 -3.36
C ASN A 345 4.77 -28.20 -4.10
N LEU A 346 4.83 -27.90 -5.40
CA LEU A 346 3.64 -27.57 -6.22
C LEU A 346 2.75 -28.81 -6.44
N ARG A 347 3.28 -30.02 -6.25
CA ARG A 347 2.55 -31.29 -6.43
C ARG A 347 1.94 -31.79 -5.11
N GLU A 348 2.25 -31.14 -3.98
CA GLU A 348 1.73 -31.55 -2.65
C GLU A 348 0.20 -31.37 -2.63
N ASN A 349 -0.45 -32.01 -1.65
CA ASN A 349 -1.91 -31.85 -1.39
C ASN A 349 -2.15 -30.42 -0.91
N TRP A 350 -3.38 -29.95 -1.04
CA TRP A 350 -3.78 -28.52 -0.93
C TRP A 350 -3.41 -27.95 0.44
N GLU A 351 -3.68 -28.68 1.53
CA GLU A 351 -3.38 -28.21 2.91
C GLU A 351 -1.88 -27.95 3.05
N GLU A 352 -1.04 -28.75 2.40
CA GLU A 352 0.44 -28.63 2.46
C GLU A 352 0.90 -27.45 1.58
N VAL A 353 0.26 -27.26 0.42
CA VAL A 353 0.56 -26.12 -0.51
C VAL A 353 0.32 -24.81 0.26
N LYS A 354 -0.80 -24.69 0.96
CA LYS A 354 -1.15 -23.48 1.76
C LYS A 354 -0.11 -23.27 2.86
N LYS A 355 0.27 -24.34 3.58
CA LYS A 355 1.25 -24.28 4.70
C LYS A 355 2.60 -23.81 4.16
N ASN A 356 3.03 -24.31 2.99
CA ASN A 356 4.33 -23.98 2.36
C ASN A 356 4.41 -22.49 2.02
N ALA A 357 3.27 -21.83 1.75
CA ALA A 357 3.23 -20.42 1.31
C ALA A 357 3.12 -19.45 2.50
N ARG A 358 3.02 -19.96 3.74
CA ARG A 358 2.70 -19.14 4.95
C ARG A 358 3.75 -18.04 5.14
N LYS A 359 5.04 -18.35 4.92
CA LYS A 359 6.16 -17.40 5.18
C LYS A 359 6.72 -16.83 3.87
N ALA A 360 6.05 -17.07 2.74
CA ALA A 360 6.47 -16.54 1.42
C ALA A 360 6.26 -15.03 1.37
N PRO A 361 6.98 -14.31 0.48
CA PRO A 361 6.65 -12.92 0.18
C PRO A 361 5.19 -12.80 -0.25
N GLN A 362 4.55 -11.69 0.11
CA GLN A 362 3.13 -11.39 -0.21
C GLN A 362 3.08 -10.66 -1.55
N PRO A 363 2.23 -11.11 -2.50
CA PRO A 363 2.10 -10.42 -3.78
C PRO A 363 1.32 -9.12 -3.60
N GLU A 364 1.64 -8.12 -4.41
CA GLU A 364 0.97 -6.80 -4.36
C GLU A 364 1.22 -6.06 -5.67
N VAL A 365 0.16 -5.57 -6.33
CA VAL A 365 0.29 -4.67 -7.50
C VAL A 365 0.54 -3.26 -6.97
N ARG A 366 1.65 -2.65 -7.38
CA ARG A 366 2.09 -1.31 -6.91
C ARG A 366 2.32 -0.37 -8.10
N ARG A 367 1.85 0.87 -7.97
CA ARG A 367 2.19 1.99 -8.87
C ARG A 367 3.26 2.83 -8.21
N TYR A 368 4.44 2.91 -8.80
CA TYR A 368 5.51 3.86 -8.40
C TYR A 368 5.47 5.04 -9.38
N VAL A 369 5.79 6.24 -8.88
CA VAL A 369 5.85 7.47 -9.71
C VAL A 369 7.24 8.08 -9.53
N LEU A 370 8.02 8.11 -10.62
CA LEU A 370 9.43 8.60 -10.64
C LEU A 370 9.44 10.00 -11.22
N PRO A 371 9.78 11.04 -10.42
CA PRO A 371 9.98 12.39 -10.97
C PRO A 371 11.23 12.45 -11.86
N LEU A 372 11.11 13.10 -13.02
CA LEU A 372 12.23 13.33 -13.97
C LEU A 372 12.94 14.65 -13.64
N ASN A 373 12.21 15.63 -13.09
N ASN A 373 12.21 15.63 -13.09
CA ASN A 373 12.73 16.98 -12.77
CA ASN A 373 12.72 16.99 -12.77
C ASN A 373 12.96 17.08 -11.26
C ASN A 373 12.97 17.09 -11.26
N ILE A 374 14.22 16.94 -10.83
CA ILE A 374 14.64 16.99 -9.39
C ILE A 374 15.20 18.39 -9.09
N ASP A 375 14.46 19.20 -8.34
CA ASP A 375 14.88 20.56 -7.89
C ASP A 375 15.38 20.46 -6.43
N LYS A 376 16.64 20.85 -6.20
CA LYS A 376 17.31 20.83 -4.86
C LYS A 376 16.50 21.66 -3.85
N ALA A 377 15.82 22.70 -4.30
CA ALA A 377 14.97 23.59 -3.45
C ALA A 377 13.84 22.77 -2.78
N ASP A 378 13.46 21.61 -3.33
CA ASP A 378 12.38 20.74 -2.80
C ASP A 378 12.95 19.62 -1.92
N THR A 379 14.22 19.69 -1.53
CA THR A 379 14.86 18.72 -0.60
C THR A 379 13.95 18.55 0.63
N GLY A 380 13.67 17.31 1.01
CA GLY A 380 12.89 16.95 2.21
C GLY A 380 11.40 16.84 1.92
N LYS A 381 10.98 17.13 0.69
CA LYS A 381 9.54 17.21 0.32
C LYS A 381 9.18 16.11 -0.69
N ASN A 382 7.88 15.87 -0.84
CA ASN A 382 7.28 14.95 -1.84
C ASN A 382 7.26 15.65 -3.20
N LEU A 383 7.95 15.10 -4.20
CA LEU A 383 8.06 15.69 -5.56
C LEU A 383 6.88 15.29 -6.45
N VAL A 384 6.06 14.31 -6.04
CA VAL A 384 4.95 13.80 -6.89
C VAL A 384 3.73 14.73 -6.73
N THR A 385 3.63 15.70 -7.64
CA THR A 385 2.61 16.79 -7.61
C THR A 385 1.40 16.39 -8.47
N LEU A 386 1.40 15.19 -9.06
CA LEU A 386 0.26 14.66 -9.87
C LEU A 386 -1.00 14.61 -8.99
N PRO A 387 -2.18 14.94 -9.55
CA PRO A 387 -3.41 15.04 -8.76
C PRO A 387 -4.14 13.72 -8.47
N ASN A 388 -3.80 12.64 -9.19
CA ASN A 388 -4.58 11.39 -9.32
CA ASN A 388 -4.63 11.41 -9.21
C ASN A 388 -3.84 10.20 -8.69
N THR A 389 -2.82 10.44 -7.85
CA THR A 389 -2.03 9.35 -7.23
C THR A 389 -1.72 9.66 -5.76
N THR A 390 -1.48 8.62 -4.96
CA THR A 390 -0.99 8.70 -3.57
C THR A 390 0.47 8.24 -3.49
N ALA A 391 1.08 7.87 -4.62
CA ALA A 391 2.52 7.56 -4.71
C ALA A 391 3.32 8.83 -4.34
N THR A 392 4.42 8.66 -3.62
CA THR A 392 5.30 9.77 -3.18
C THR A 392 6.74 9.49 -3.61
N ALA A 393 7.54 10.54 -3.68
CA ALA A 393 8.98 10.51 -3.99
C ALA A 393 9.65 11.62 -3.19
N ILE A 394 10.36 11.26 -2.11
CA ILE A 394 11.00 12.24 -1.18
C ILE A 394 12.45 12.43 -1.61
N LEU A 395 12.81 13.67 -1.94
CA LEU A 395 14.21 14.08 -2.21
C LEU A 395 14.96 14.24 -0.89
N CYS A 396 15.96 13.42 -0.66
CA CYS A 396 16.81 13.44 0.55
C CYS A 396 18.06 14.30 0.29
N SER A 397 18.77 14.67 1.36
CA SER A 397 19.98 15.54 1.34
C SER A 397 21.13 14.84 0.61
N ASP A 398 21.21 13.51 0.69
CA ASP A 398 22.23 12.68 -0.02
C ASP A 398 21.81 12.48 -1.49
N GLU A 399 20.70 13.07 -1.92
CA GLU A 399 20.20 13.10 -3.32
C GLU A 399 19.54 11.78 -3.72
N THR A 400 19.39 10.82 -2.79
CA THR A 400 18.52 9.64 -3.00
C THR A 400 17.07 10.14 -3.03
N ILE A 401 16.24 9.52 -3.87
CA ILE A 401 14.78 9.81 -3.98
C ILE A 401 14.03 8.59 -3.44
N TRP A 402 13.49 8.70 -2.22
CA TRP A 402 12.77 7.57 -1.55
C TRP A 402 11.34 7.51 -2.07
N LEU A 403 10.95 6.37 -2.67
CA LEU A 403 9.62 6.16 -3.28
C LEU A 403 8.71 5.39 -2.31
N GLU A 404 7.44 5.80 -2.23
CA GLU A 404 6.33 4.99 -1.65
C GLU A 404 5.33 4.73 -2.76
N PRO A 405 4.81 3.49 -2.88
CA PRO A 405 3.87 3.16 -3.94
C PRO A 405 2.42 3.55 -3.60
N GLU A 406 1.60 3.66 -4.64
CA GLU A 406 0.13 3.53 -4.56
C GLU A 406 -0.19 2.05 -4.81
N VAL A 407 -0.85 1.39 -3.86
CA VAL A 407 -1.24 -0.04 -3.99
C VAL A 407 -2.51 -0.12 -4.85
N LEU A 408 -2.48 -0.89 -5.93
CA LEU A 408 -3.61 -1.02 -6.88
C LEU A 408 -4.43 -2.29 -6.56
N PHE A 409 -3.78 -3.32 -6.03
CA PHE A 409 -4.39 -4.65 -5.76
C PHE A 409 -3.55 -5.40 -4.72
N SER A 410 -4.21 -5.93 -3.69
CA SER A 410 -3.56 -6.65 -2.56
C SER A 410 -4.54 -7.65 -1.97
N GLY A 411 -4.24 -8.95 -2.13
CA GLY A 411 -5.02 -10.07 -1.56
C GLY A 411 -4.09 -11.03 -0.83
N PRO A 412 -4.48 -11.55 0.36
CA PRO A 412 -3.62 -12.45 1.14
C PRO A 412 -3.21 -13.71 0.37
N ARG A 413 -1.94 -13.80 -0.03
CA ARG A 413 -1.37 -14.93 -0.80
C ARG A 413 -2.19 -15.17 -2.08
N GLN A 414 -2.84 -14.11 -2.59
N GLN A 414 -2.84 -14.11 -2.59
CA GLN A 414 -3.63 -14.10 -3.85
CA GLN A 414 -3.63 -14.10 -3.85
C GLN A 414 -2.98 -13.10 -4.80
C GLN A 414 -2.99 -13.10 -4.79
N ALA A 415 -2.15 -13.57 -5.73
CA ALA A 415 -1.35 -12.72 -6.62
C ALA A 415 -2.15 -12.38 -7.88
N PHE A 416 -2.12 -11.12 -8.29
CA PHE A 416 -2.41 -10.69 -9.67
C PHE A 416 -1.08 -10.77 -10.42
N GLU A 417 -0.90 -11.81 -11.24
CA GLU A 417 0.40 -12.11 -11.88
C GLU A 417 0.20 -12.37 -13.37
N PHE A 418 1.30 -12.62 -14.09
CA PHE A 418 1.33 -12.78 -15.57
C PHE A 418 0.48 -11.68 -16.19
N PRO A 419 0.78 -10.40 -15.92
CA PRO A 419 -0.05 -9.29 -16.38
C PRO A 419 0.01 -9.12 -17.91
N GLN A 420 -1.11 -8.74 -18.49
CA GLN A 420 -1.25 -8.42 -19.93
C GLN A 420 -2.11 -7.16 -20.05
N ILE A 421 -1.86 -6.36 -21.08
CA ILE A 421 -2.65 -5.15 -21.43
C ILE A 421 -2.98 -5.22 -22.92
N ASN A 422 -3.74 -4.23 -23.41
CA ASN A 422 -3.87 -3.95 -24.86
C ASN A 422 -2.52 -3.36 -25.31
N TYR A 423 -1.52 -4.22 -25.52
CA TYR A 423 -0.10 -3.84 -25.64
C TYR A 423 0.14 -3.01 -26.91
N GLN A 424 -0.40 -3.46 -28.05
CA GLN A 424 -0.14 -2.84 -29.38
C GLN A 424 -0.50 -1.35 -29.35
N LYS A 425 -1.58 -0.97 -28.67
CA LYS A 425 -2.11 0.42 -28.69
C LYS A 425 -1.82 1.17 -27.38
N TYR A 426 -1.58 0.50 -26.25
CA TYR A 426 -1.44 1.17 -24.92
C TYR A 426 -0.11 0.84 -24.22
N GLY A 427 0.70 -0.07 -24.77
CA GLY A 427 2.06 -0.33 -24.27
C GLY A 427 2.89 0.94 -24.27
N GLY A 428 3.44 1.33 -23.12
CA GLY A 428 4.28 2.53 -22.97
C GLY A 428 3.47 3.82 -22.92
N LYS A 429 2.13 3.73 -22.81
CA LYS A 429 1.22 4.89 -22.93
C LYS A 429 0.22 4.90 -21.77
N PRO A 430 -0.39 6.06 -21.47
CA PRO A 430 -1.48 6.13 -20.48
C PRO A 430 -2.51 5.02 -20.78
N TYR A 431 -2.98 4.34 -19.75
CA TYR A 431 -3.85 3.14 -19.89
C TYR A 431 -4.72 2.99 -18.64
N THR A 432 -5.72 2.12 -18.72
CA THR A 432 -6.76 1.92 -17.69
C THR A 432 -6.83 0.46 -17.23
N TYR A 433 -6.56 -0.51 -18.13
CA TYR A 433 -6.94 -1.94 -17.89
C TYR A 433 -5.71 -2.85 -17.97
N ALA A 434 -5.61 -3.76 -16.99
CA ALA A 434 -4.68 -4.90 -16.98
C ALA A 434 -5.48 -6.19 -16.74
N TYR A 435 -5.03 -7.28 -17.36
CA TYR A 435 -5.56 -8.65 -17.18
C TYR A 435 -4.45 -9.47 -16.52
N GLY A 436 -4.83 -10.40 -15.65
CA GLY A 436 -3.86 -11.19 -14.87
C GLY A 436 -4.36 -12.59 -14.58
N LEU A 437 -3.41 -13.47 -14.29
CA LEU A 437 -3.63 -14.80 -13.70
C LEU A 437 -3.63 -14.66 -12.18
N GLY A 438 -4.70 -15.10 -11.53
CA GLY A 438 -4.80 -15.11 -10.06
C GLY A 438 -4.14 -16.35 -9.49
N LEU A 439 -3.08 -16.18 -8.69
CA LEU A 439 -2.35 -17.28 -8.02
C LEU A 439 -2.81 -17.37 -6.56
N ASN A 440 -3.33 -18.54 -6.18
CA ASN A 440 -3.85 -18.87 -4.82
C ASN A 440 -2.79 -19.73 -4.12
N HIS A 441 -1.96 -19.13 -3.26
CA HIS A 441 -0.76 -19.79 -2.67
C HIS A 441 0.07 -20.43 -3.79
N PHE A 442 0.26 -19.69 -4.89
CA PHE A 442 1.10 -20.02 -6.08
C PHE A 442 0.37 -20.94 -7.07
N VAL A 443 -0.86 -21.38 -6.78
CA VAL A 443 -1.67 -22.24 -7.69
C VAL A 443 -2.58 -21.32 -8.53
N PRO A 444 -2.47 -21.35 -9.87
CA PRO A 444 -3.31 -20.52 -10.73
C PRO A 444 -4.75 -21.05 -10.74
N ASP A 445 -5.73 -20.25 -10.31
CA ASP A 445 -7.12 -20.74 -10.13
C ASP A 445 -8.19 -19.71 -10.52
N ARG A 446 -7.82 -18.59 -11.14
N ARG A 446 -7.82 -18.59 -11.14
CA ARG A 446 -8.80 -17.56 -11.60
CA ARG A 446 -8.79 -17.56 -11.59
C ARG A 446 -8.13 -16.60 -12.59
C ARG A 446 -8.12 -16.60 -12.58
N LEU A 447 -8.95 -15.89 -13.34
CA LEU A 447 -8.52 -14.80 -14.26
C LEU A 447 -9.09 -13.50 -13.73
N CYS A 448 -8.30 -12.42 -13.81
CA CYS A 448 -8.60 -11.12 -13.16
C CYS A 448 -8.46 -9.99 -14.19
N LYS A 449 -9.33 -9.00 -14.08
CA LYS A 449 -9.19 -7.71 -14.79
C LYS A 449 -9.12 -6.62 -13.72
N LEU A 450 -8.17 -5.70 -13.87
CA LEU A 450 -7.95 -4.57 -12.93
C LEU A 450 -8.08 -3.26 -13.71
N ASN A 451 -8.95 -2.38 -13.25
CA ASN A 451 -8.94 -0.95 -13.62
C ASN A 451 -7.91 -0.27 -12.72
N VAL A 452 -6.76 0.13 -13.29
CA VAL A 452 -5.61 0.69 -12.50
C VAL A 452 -5.93 2.13 -12.04
N LYS A 453 -6.99 2.76 -12.55
CA LYS A 453 -7.41 4.14 -12.13
C LYS A 453 -8.39 4.06 -10.95
N THR A 454 -9.36 3.16 -10.97
CA THR A 454 -10.44 3.04 -9.95
C THR A 454 -10.18 1.88 -8.99
N LYS A 455 -9.31 0.93 -9.38
CA LYS A 455 -8.99 -0.30 -8.60
C LYS A 455 -10.17 -1.28 -8.61
N GLU A 456 -11.19 -1.04 -9.44
CA GLU A 456 -12.29 -2.02 -9.66
C GLU A 456 -11.67 -3.30 -10.26
N THR A 457 -12.14 -4.47 -9.84
CA THR A 457 -11.69 -5.78 -10.36
C THR A 457 -12.89 -6.56 -10.90
N TRP A 458 -12.63 -7.44 -11.87
CA TRP A 458 -13.54 -8.49 -12.39
C TRP A 458 -12.80 -9.81 -12.27
N VAL A 459 -13.53 -10.89 -12.02
CA VAL A 459 -12.92 -12.24 -11.82
C VAL A 459 -13.73 -13.26 -12.64
N TRP A 460 -13.02 -14.17 -13.30
CA TRP A 460 -13.57 -15.44 -13.82
C TRP A 460 -12.95 -16.58 -13.03
N GLN A 461 -13.77 -17.50 -12.52
CA GLN A 461 -13.31 -18.66 -11.71
C GLN A 461 -14.34 -19.80 -11.82
N GLU A 462 -13.86 -21.03 -11.97
CA GLU A 462 -14.69 -22.26 -11.91
C GLU A 462 -13.98 -23.27 -11.02
N PRO A 463 -14.71 -23.99 -10.13
CA PRO A 463 -14.10 -25.03 -9.29
C PRO A 463 -13.31 -26.04 -10.13
N ASP A 464 -12.14 -26.43 -9.64
CA ASP A 464 -11.30 -27.52 -10.23
C ASP A 464 -10.86 -27.12 -11.65
N SER A 465 -10.69 -25.82 -11.90
CA SER A 465 -10.25 -25.25 -13.20
C SER A 465 -9.06 -24.32 -12.95
N TYR A 466 -7.93 -24.59 -13.62
CA TYR A 466 -6.63 -23.93 -13.40
C TYR A 466 -6.20 -23.26 -14.70
N PRO A 467 -6.46 -21.94 -14.86
CA PRO A 467 -6.19 -21.24 -16.11
C PRO A 467 -4.72 -20.81 -16.26
N SER A 468 -4.37 -20.31 -17.44
CA SER A 468 -3.04 -19.78 -17.82
C SER A 468 -3.13 -18.26 -17.93
N GLU A 469 -1.99 -17.60 -18.11
CA GLU A 469 -1.89 -16.16 -18.43
C GLU A 469 -2.98 -15.82 -19.44
N PRO A 470 -3.79 -14.76 -19.20
CA PRO A 470 -4.77 -14.30 -20.18
C PRO A 470 -4.09 -13.40 -21.22
N ILE A 471 -4.34 -13.64 -22.50
CA ILE A 471 -3.78 -12.79 -23.59
C ILE A 471 -4.95 -12.03 -24.21
N PHE A 472 -4.83 -10.70 -24.30
CA PHE A 472 -5.86 -9.79 -24.84
C PHE A 472 -5.73 -9.74 -26.36
N VAL A 473 -6.85 -9.89 -27.06
CA VAL A 473 -6.95 -9.66 -28.53
C VAL A 473 -8.04 -8.61 -28.76
N SER A 474 -7.65 -7.47 -29.31
CA SER A 474 -8.57 -6.37 -29.66
C SER A 474 -9.48 -6.83 -30.80
N HIS A 475 -10.74 -6.38 -30.79
CA HIS A 475 -11.52 -6.28 -32.05
C HIS A 475 -10.71 -5.42 -33.01
N PRO A 476 -10.47 -5.87 -34.27
CA PRO A 476 -9.59 -5.14 -35.19
C PRO A 476 -10.00 -3.68 -35.43
N ASP A 477 -11.28 -3.34 -35.23
CA ASP A 477 -11.83 -1.97 -35.47
C ASP A 477 -12.14 -1.27 -34.14
N ALA A 478 -11.59 -1.74 -33.03
CA ALA A 478 -11.82 -1.19 -31.67
C ALA A 478 -11.21 0.22 -31.59
N LEU A 479 -11.97 1.16 -31.03
CA LEU A 479 -11.47 2.49 -30.58
C LEU A 479 -11.27 2.49 -29.06
N GLU A 480 -12.00 1.65 -28.32
CA GLU A 480 -11.90 1.54 -26.83
C GLU A 480 -10.82 0.53 -26.44
N GLU A 481 -10.31 0.67 -25.21
CA GLU A 481 -9.09 -0.02 -24.72
C GLU A 481 -9.38 -1.51 -24.53
N ASP A 482 -10.59 -1.86 -24.07
CA ASP A 482 -10.96 -3.22 -23.60
C ASP A 482 -12.05 -3.81 -24.51
N ASP A 483 -12.13 -3.34 -25.76
CA ASP A 483 -13.07 -3.87 -26.79
C ASP A 483 -12.42 -5.07 -27.47
N GLY A 484 -12.62 -6.27 -26.94
CA GLY A 484 -12.00 -7.50 -27.46
C GLY A 484 -12.25 -8.68 -26.56
N VAL A 485 -11.40 -9.70 -26.64
CA VAL A 485 -11.50 -10.95 -25.83
C VAL A 485 -10.16 -11.18 -25.12
N VAL A 486 -10.16 -11.98 -24.07
CA VAL A 486 -8.91 -12.59 -23.53
C VAL A 486 -9.02 -14.10 -23.76
N LEU A 487 -7.89 -14.71 -24.12
CA LEU A 487 -7.74 -16.17 -24.32
C LEU A 487 -6.91 -16.72 -23.16
N SER A 488 -7.38 -17.81 -22.57
CA SER A 488 -6.65 -18.55 -21.51
C SER A 488 -6.77 -20.05 -21.79
N VAL A 489 -5.68 -20.81 -21.56
CA VAL A 489 -5.68 -22.29 -21.63
C VAL A 489 -5.96 -22.80 -20.21
N VAL A 490 -7.02 -23.61 -20.05
CA VAL A 490 -7.55 -24.06 -18.73
C VAL A 490 -7.43 -25.58 -18.62
N VAL A 491 -6.86 -26.05 -17.51
CA VAL A 491 -6.80 -27.50 -17.13
C VAL A 491 -7.96 -27.75 -16.16
N SER A 492 -8.78 -28.76 -16.44
CA SER A 492 -10.02 -29.11 -15.69
C SER A 492 -10.15 -30.62 -15.55
N PRO A 493 -9.27 -31.28 -14.76
CA PRO A 493 -9.31 -32.74 -14.62
C PRO A 493 -10.38 -33.22 -13.64
N GLY A 494 -11.64 -33.26 -14.09
CA GLY A 494 -12.79 -33.81 -13.35
C GLY A 494 -13.07 -35.25 -13.76
N ALA A 495 -13.72 -36.03 -12.89
CA ALA A 495 -14.10 -37.45 -13.10
C ALA A 495 -14.81 -37.62 -14.46
N GLY A 496 -15.85 -36.82 -14.72
CA GLY A 496 -16.61 -36.81 -15.98
C GLY A 496 -16.54 -35.45 -16.67
N GLN A 497 -15.36 -35.08 -17.15
CA GLN A 497 -15.09 -33.75 -17.79
C GLN A 497 -14.00 -33.88 -18.85
N LYS A 498 -14.00 -32.97 -19.83
CA LYS A 498 -12.88 -32.79 -20.80
C LYS A 498 -11.68 -32.28 -20.00
N PRO A 499 -10.48 -32.87 -20.17
CA PRO A 499 -9.34 -32.55 -19.31
C PRO A 499 -8.74 -31.13 -19.44
N ALA A 500 -9.01 -30.44 -20.55
CA ALA A 500 -8.46 -29.09 -20.83
C ALA A 500 -9.30 -28.39 -21.90
N TYR A 501 -9.24 -27.05 -21.95
CA TYR A 501 -9.96 -26.24 -22.96
C TYR A 501 -9.33 -24.85 -23.10
N LEU A 502 -9.45 -24.29 -24.30
CA LEU A 502 -9.21 -22.86 -24.61
C LEU A 502 -10.44 -22.09 -24.15
N LEU A 503 -10.27 -21.13 -23.25
CA LEU A 503 -11.37 -20.28 -22.73
C LEU A 503 -11.30 -18.93 -23.46
N ILE A 504 -12.43 -18.44 -23.96
CA ILE A 504 -12.57 -17.08 -24.55
C ILE A 504 -13.55 -16.28 -23.68
N LEU A 505 -13.06 -15.19 -23.09
CA LEU A 505 -13.85 -14.25 -22.25
C LEU A 505 -13.98 -12.93 -23.00
N ASN A 506 -15.12 -12.26 -22.82
CA ASN A 506 -15.32 -10.84 -23.20
C ASN A 506 -14.41 -10.00 -22.29
N ALA A 507 -13.52 -9.18 -22.87
CA ALA A 507 -12.54 -8.35 -22.14
C ALA A 507 -13.24 -7.27 -21.32
N LYS A 508 -14.49 -6.91 -21.66
CA LYS A 508 -15.28 -5.87 -20.95
C LYS A 508 -15.53 -6.27 -19.49
N ASP A 509 -15.98 -7.51 -19.23
CA ASP A 509 -16.45 -7.95 -17.89
C ASP A 509 -15.96 -9.36 -17.55
N LEU A 510 -15.09 -9.96 -18.35
CA LEU A 510 -14.60 -11.36 -18.21
C LEU A 510 -15.78 -12.35 -18.18
N SER A 511 -16.88 -12.06 -18.88
CA SER A 511 -17.99 -13.01 -19.11
C SER A 511 -17.58 -14.00 -20.21
N GLU A 512 -17.94 -15.27 -20.05
N GLU A 512 -17.94 -15.27 -20.05
CA GLU A 512 -17.57 -16.37 -20.99
CA GLU A 512 -17.60 -16.37 -20.99
C GLU A 512 -18.27 -16.17 -22.34
C GLU A 512 -18.28 -16.15 -22.34
N VAL A 513 -17.51 -16.28 -23.42
CA VAL A 513 -17.99 -16.16 -24.83
C VAL A 513 -18.02 -17.55 -25.47
N ALA A 514 -16.98 -18.38 -25.21
CA ALA A 514 -16.83 -19.72 -25.79
C ALA A 514 -15.75 -20.53 -25.05
N ARG A 515 -15.76 -21.85 -25.25
CA ARG A 515 -14.64 -22.77 -24.94
C ARG A 515 -14.37 -23.65 -26.15
N ALA A 516 -13.11 -24.02 -26.35
CA ALA A 516 -12.67 -25.05 -27.33
C ALA A 516 -12.03 -26.20 -26.53
N GLU A 517 -12.79 -27.28 -26.33
CA GLU A 517 -12.42 -28.43 -25.45
C GLU A 517 -11.57 -29.44 -26.24
N VAL A 518 -10.54 -29.98 -25.59
CA VAL A 518 -9.67 -31.08 -26.11
C VAL A 518 -9.74 -32.24 -25.12
N GLU A 519 -9.41 -33.46 -25.57
CA GLU A 519 -9.59 -34.72 -24.80
C GLU A 519 -8.26 -35.18 -24.22
N ILE A 520 -7.25 -34.30 -24.19
CA ILE A 520 -5.88 -34.59 -23.68
C ILE A 520 -5.50 -33.52 -22.65
N ASN A 521 -4.57 -33.84 -21.74
CA ASN A 521 -4.05 -32.91 -20.72
C ASN A 521 -3.18 -31.86 -21.41
N ILE A 522 -3.13 -30.64 -20.86
CA ILE A 522 -2.18 -29.57 -21.26
C ILE A 522 -1.43 -29.14 -20.00
N PRO A 523 -0.09 -29.26 -19.94
CA PRO A 523 0.65 -28.84 -18.76
C PRO A 523 0.69 -27.31 -18.68
N VAL A 524 1.24 -26.79 -17.58
CA VAL A 524 1.39 -25.33 -17.31
C VAL A 524 2.08 -24.69 -18.52
N THR A 525 1.62 -23.50 -18.92
CA THR A 525 2.32 -22.60 -19.86
C THR A 525 2.56 -21.26 -19.17
N PHE A 526 3.65 -20.59 -19.51
CA PHE A 526 4.07 -19.32 -18.87
C PHE A 526 3.57 -18.16 -19.72
N HIS A 527 4.15 -17.97 -20.90
CA HIS A 527 3.91 -16.79 -21.76
C HIS A 527 3.64 -17.22 -23.20
N GLY A 528 3.15 -16.28 -23.99
CA GLY A 528 2.88 -16.48 -25.41
C GLY A 528 2.39 -15.21 -26.07
N LEU A 529 1.81 -15.35 -27.26
CA LEU A 529 1.27 -14.22 -28.04
C LEU A 529 0.13 -14.74 -28.92
N PHE A 530 -0.71 -13.82 -29.39
CA PHE A 530 -1.68 -14.07 -30.48
C PHE A 530 -1.09 -13.52 -31.76
N LYS A 531 -0.88 -14.40 -32.74
CA LYS A 531 -0.39 -14.06 -34.10
C LYS A 531 -1.61 -13.96 -35.02
N LYS A 532 -1.98 -12.74 -35.42
CA LYS A 532 -3.13 -12.48 -36.33
C LYS A 532 -2.76 -12.95 -37.74
N SER A 533 -3.72 -13.52 -38.47
CA SER A 533 -3.56 -13.96 -39.88
C SER A 533 -4.81 -13.64 -40.69
N SER B 3 -14.34 13.43 -10.01
CA SER B 3 -14.10 12.77 -8.69
C SER B 3 -13.81 13.82 -7.61
N GLN B 4 -12.92 14.78 -7.91
CA GLN B 4 -12.43 15.82 -6.96
C GLN B 4 -13.59 16.77 -6.59
N VAL B 5 -13.90 16.87 -5.30
CA VAL B 5 -14.89 17.84 -4.75
C VAL B 5 -14.17 19.19 -4.57
N GLU B 6 -14.82 20.28 -5.00
CA GLU B 6 -14.24 21.65 -5.01
C GLU B 6 -15.00 22.52 -3.99
N HIS B 7 -14.32 23.53 -3.43
CA HIS B 7 -14.86 24.47 -2.41
C HIS B 7 -14.54 25.91 -2.82
N PRO B 8 -14.94 26.36 -4.03
CA PRO B 8 -14.60 27.70 -4.51
C PRO B 8 -15.15 28.84 -3.64
N ALA B 9 -16.30 28.64 -2.99
CA ALA B 9 -16.99 29.66 -2.15
C ALA B 9 -16.16 29.96 -0.88
N GLY B 10 -15.27 29.06 -0.47
CA GLY B 10 -14.29 29.31 0.60
C GLY B 10 -14.91 29.35 1.99
N GLY B 11 -16.03 28.64 2.20
CA GLY B 11 -16.78 28.58 3.47
C GLY B 11 -15.94 28.06 4.63
N TYR B 12 -14.93 27.22 4.35
CA TYR B 12 -14.03 26.60 5.34
C TYR B 12 -13.30 27.66 6.16
N LYS B 13 -13.19 28.90 5.66
CA LYS B 13 -12.54 30.03 6.39
C LYS B 13 -13.23 30.27 7.74
N LYS B 14 -14.53 29.99 7.84
CA LYS B 14 -15.33 30.17 9.09
C LYS B 14 -14.85 29.22 10.19
N LEU B 15 -14.18 28.11 9.86
CA LEU B 15 -13.56 27.18 10.85
C LEU B 15 -12.50 27.93 11.67
N PHE B 16 -11.92 28.99 11.12
CA PHE B 16 -10.73 29.69 11.65
C PHE B 16 -11.05 31.16 11.97
N GLU B 17 -12.33 31.45 12.27
CA GLU B 17 -12.82 32.81 12.60
C GLU B 17 -13.22 32.85 14.08
N THR B 18 -12.70 33.85 14.81
CA THR B 18 -13.02 34.11 16.24
C THR B 18 -14.54 34.11 16.44
N VAL B 19 -15.00 33.58 17.58
CA VAL B 19 -16.41 33.65 18.05
C VAL B 19 -16.41 34.16 19.50
N GLU B 20 -17.57 34.60 19.97
CA GLU B 20 -17.81 34.93 21.39
C GLU B 20 -18.41 33.72 22.09
N GLU B 21 -18.05 33.48 23.36
CA GLU B 21 -18.70 32.45 24.21
C GLU B 21 -20.14 32.89 24.50
N LEU B 22 -20.97 31.96 24.97
CA LEU B 22 -22.38 32.22 25.38
C LEU B 22 -22.42 32.39 26.90
N SER B 23 -23.39 33.15 27.40
CA SER B 23 -23.66 33.31 28.85
C SER B 23 -24.41 32.08 29.37
N SER B 24 -25.30 31.50 28.55
CA SER B 24 -26.07 30.27 28.88
C SER B 24 -26.43 29.50 27.60
N PRO B 25 -26.82 28.22 27.70
CA PRO B 25 -27.10 27.39 26.51
C PRO B 25 -28.24 27.91 25.61
N LEU B 26 -28.06 27.77 24.28
CA LEU B 26 -29.10 28.03 23.25
C LEU B 26 -29.87 26.75 22.98
N THR B 27 -31.16 26.86 22.67
CA THR B 27 -31.99 25.75 22.12
C THR B 27 -31.69 25.64 20.63
N ALA B 28 -31.37 24.44 20.16
CA ALA B 28 -31.06 24.15 18.74
C ALA B 28 -32.35 23.70 18.04
N HIS B 29 -32.55 24.12 16.79
CA HIS B 29 -33.70 23.72 15.94
C HIS B 29 -33.42 22.32 15.37
N VAL B 30 -34.24 21.34 15.73
CA VAL B 30 -34.10 19.92 15.31
C VAL B 30 -34.80 19.72 13.96
N THR B 31 -34.09 19.12 12.99
CA THR B 31 -34.69 18.48 11.78
C THR B 31 -34.42 16.97 11.89
N GLY B 32 -35.25 16.13 11.29
CA GLY B 32 -35.23 14.67 11.50
C GLY B 32 -35.59 14.32 12.93
N ARG B 33 -35.05 13.22 13.46
CA ARG B 33 -35.38 12.69 14.80
C ARG B 33 -34.08 12.41 15.58
N ILE B 34 -33.83 13.19 16.64
CA ILE B 34 -32.77 12.91 17.65
C ILE B 34 -33.16 11.61 18.33
N PRO B 35 -32.31 10.55 18.31
CA PRO B 35 -32.65 9.30 19.00
C PRO B 35 -33.05 9.55 20.46
N LEU B 36 -34.14 8.94 20.92
CA LEU B 36 -34.70 9.18 22.28
C LEU B 36 -33.81 8.50 23.34
N TRP B 37 -33.00 7.52 22.92
CA TRP B 37 -32.02 6.82 23.80
C TRP B 37 -30.75 7.66 23.97
N LEU B 38 -30.55 8.69 23.15
CA LEU B 38 -29.36 9.57 23.20
C LEU B 38 -29.56 10.60 24.31
N THR B 39 -28.98 10.35 25.48
CA THR B 39 -29.09 11.19 26.70
C THR B 39 -27.68 11.45 27.23
N GLY B 40 -27.25 12.71 27.25
CA GLY B 40 -25.90 13.10 27.71
C GLY B 40 -25.38 14.30 26.95
N SER B 41 -24.06 14.50 27.01
CA SER B 41 -23.34 15.72 26.54
C SER B 41 -22.25 15.31 25.55
N LEU B 42 -22.28 15.88 24.34
CA LEU B 42 -21.10 15.89 23.44
C LEU B 42 -20.23 17.08 23.86
N LEU B 43 -19.05 16.80 24.41
CA LEU B 43 -18.04 17.80 24.83
C LEU B 43 -16.88 17.77 23.83
N ARG B 44 -16.52 18.94 23.27
CA ARG B 44 -15.46 19.06 22.23
C ARG B 44 -14.62 20.31 22.49
N CYS B 45 -13.33 20.23 22.21
CA CYS B 45 -12.34 21.34 22.38
C CYS B 45 -11.82 21.78 21.02
N GLY B 46 -11.59 23.08 20.87
CA GLY B 46 -10.97 23.69 19.68
C GLY B 46 -10.53 25.12 19.97
N PRO B 47 -9.80 25.77 19.03
CA PRO B 47 -9.51 27.19 19.13
C PRO B 47 -10.79 27.99 18.88
N GLY B 48 -10.97 29.10 19.61
CA GLY B 48 -12.15 29.99 19.48
C GLY B 48 -11.77 31.45 19.30
N LEU B 49 -10.55 31.82 19.71
CA LEU B 49 -10.02 33.21 19.63
C LEU B 49 -8.68 33.16 18.89
N PHE B 50 -8.62 33.71 17.67
CA PHE B 50 -7.49 33.54 16.72
C PHE B 50 -6.64 34.82 16.68
N GLU B 51 -6.96 35.79 17.52
CA GLU B 51 -6.15 37.03 17.69
C GLU B 51 -6.51 37.67 19.03
N VAL B 52 -5.54 38.33 19.66
CA VAL B 52 -5.73 39.20 20.87
C VAL B 52 -5.57 40.65 20.41
N GLY B 53 -6.68 41.32 20.13
CA GLY B 53 -6.71 42.68 19.56
C GLY B 53 -6.16 42.69 18.14
N SER B 54 -5.01 43.33 17.94
CA SER B 54 -4.31 43.47 16.63
C SER B 54 -3.18 42.43 16.50
N GLU B 55 -2.93 41.64 17.55
CA GLU B 55 -1.86 40.60 17.58
C GLU B 55 -2.45 39.26 17.14
N PRO B 56 -2.00 38.72 15.98
CA PRO B 56 -2.56 37.48 15.45
C PRO B 56 -1.88 36.23 16.04
N PHE B 57 -2.64 35.14 16.18
CA PHE B 57 -2.11 33.76 16.26
C PHE B 57 -1.86 33.27 14.84
N TYR B 58 -0.77 32.55 14.60
CA TYR B 58 -0.30 32.16 13.24
C TYR B 58 -0.70 30.72 12.89
N HIS B 59 -0.73 29.80 13.86
CA HIS B 59 -0.88 28.34 13.60
C HIS B 59 -2.27 27.86 14.03
N LEU B 60 -2.74 26.79 13.39
CA LEU B 60 -4.03 26.10 13.71
C LEU B 60 -4.11 25.75 15.20
N PHE B 61 -2.97 25.46 15.87
CA PHE B 61 -2.93 24.96 17.26
C PHE B 61 -2.60 26.08 18.26
N ASP B 62 -2.85 27.34 17.90
CA ASP B 62 -2.49 28.55 18.69
C ASP B 62 -3.72 29.21 19.32
N GLY B 63 -4.86 29.21 18.62
CA GLY B 63 -6.10 29.87 19.08
C GLY B 63 -6.50 29.41 20.49
N GLN B 64 -7.15 30.29 21.26
CA GLN B 64 -7.41 30.05 22.70
C GLN B 64 -8.53 29.02 22.86
N ALA B 65 -8.32 28.06 23.76
CA ALA B 65 -9.18 26.88 24.00
C ALA B 65 -10.63 27.33 24.25
N LEU B 66 -11.55 26.78 23.46
CA LEU B 66 -13.01 26.95 23.57
C LEU B 66 -13.63 25.57 23.83
N LEU B 67 -14.39 25.44 24.93
CA LEU B 67 -15.07 24.18 25.33
C LEU B 67 -16.53 24.26 24.87
N HIS B 68 -16.95 23.29 24.05
CA HIS B 68 -18.30 23.20 23.41
C HIS B 68 -19.09 22.07 24.06
N LYS B 69 -20.40 22.23 24.16
CA LYS B 69 -21.32 21.19 24.70
C LYS B 69 -22.63 21.20 23.94
N PHE B 70 -22.98 20.07 23.32
CA PHE B 70 -24.34 19.75 22.83
C PHE B 70 -24.96 18.79 23.84
N ASP B 71 -26.06 19.19 24.48
CA ASP B 71 -26.82 18.37 25.46
C ASP B 71 -28.01 17.74 24.76
N PHE B 72 -28.19 16.44 24.92
CA PHE B 72 -29.30 15.64 24.33
C PHE B 72 -30.18 15.13 25.48
N LYS B 73 -31.49 15.39 25.39
CA LYS B 73 -32.52 14.87 26.34
C LYS B 73 -33.88 14.83 25.62
N GLU B 74 -34.49 13.64 25.56
CA GLU B 74 -35.89 13.43 25.07
C GLU B 74 -36.07 14.09 23.70
N GLY B 75 -35.07 13.98 22.82
CA GLY B 75 -35.16 14.39 21.42
C GLY B 75 -34.97 15.88 21.19
N HIS B 76 -34.54 16.61 22.23
N HIS B 76 -34.57 16.65 22.22
CA HIS B 76 -34.27 18.08 22.22
CA HIS B 76 -34.26 18.10 22.11
C HIS B 76 -32.76 18.29 22.44
C HIS B 76 -32.80 18.34 22.50
N VAL B 77 -32.21 19.40 21.93
CA VAL B 77 -30.75 19.69 21.95
C VAL B 77 -30.52 21.15 22.36
N THR B 78 -29.55 21.37 23.25
CA THR B 78 -28.99 22.71 23.56
C THR B 78 -27.52 22.75 23.16
N TYR B 79 -27.03 23.95 22.83
CA TYR B 79 -25.61 24.23 22.55
C TYR B 79 -25.12 25.29 23.53
N HIS B 80 -23.96 25.06 24.12
CA HIS B 80 -23.27 26.00 25.04
C HIS B 80 -21.78 25.98 24.74
N ARG B 81 -21.10 27.11 24.90
CA ARG B 81 -19.63 27.20 24.77
C ARG B 81 -19.09 28.26 25.72
N ARG B 82 -17.96 27.96 26.34
CA ARG B 82 -17.19 28.88 27.23
C ARG B 82 -15.72 28.74 26.90
N PHE B 83 -14.99 29.85 26.83
CA PHE B 83 -13.51 29.85 26.77
C PHE B 83 -13.01 29.24 28.08
N ILE B 84 -11.99 28.38 27.99
CA ILE B 84 -11.31 27.80 29.18
C ILE B 84 -10.44 28.90 29.78
N ARG B 85 -10.57 29.16 31.08
CA ARG B 85 -9.82 30.21 31.82
C ARG B 85 -8.44 29.64 32.17
N THR B 86 -7.61 29.41 31.15
CA THR B 86 -6.19 29.02 31.28
C THR B 86 -5.39 30.27 31.67
N ASP B 87 -4.15 30.09 32.12
CA ASP B 87 -3.16 31.20 32.29
C ASP B 87 -3.05 31.96 30.96
N ALA B 88 -2.94 31.24 29.84
CA ALA B 88 -2.78 31.81 28.48
C ALA B 88 -3.93 32.76 28.17
N TYR B 89 -5.17 32.34 28.43
CA TYR B 89 -6.39 33.13 28.13
C TYR B 89 -6.53 34.30 29.11
N VAL B 90 -6.46 34.01 30.41
CA VAL B 90 -6.65 34.99 31.53
C VAL B 90 -5.64 36.13 31.38
N ARG B 91 -4.35 35.79 31.21
CA ARG B 91 -3.24 36.77 31.12
C ARG B 91 -3.38 37.58 29.82
N ALA B 92 -3.88 36.96 28.75
CA ALA B 92 -4.16 37.63 27.46
C ALA B 92 -5.27 38.66 27.62
N MET B 93 -6.35 38.31 28.34
CA MET B 93 -7.50 39.22 28.57
C MET B 93 -7.08 40.35 29.50
N THR B 94 -6.24 40.05 30.50
CA THR B 94 -5.69 41.02 31.49
C THR B 94 -4.80 42.06 30.77
N GLU B 95 -3.77 41.59 30.05
CA GLU B 95 -2.74 42.47 29.43
C GLU B 95 -3.16 42.91 28.02
N LYS B 96 -4.27 42.40 27.51
CA LYS B 96 -4.84 42.76 26.17
C LYS B 96 -3.78 42.55 25.09
N ARG B 97 -2.96 41.50 25.23
CA ARG B 97 -1.91 41.11 24.24
C ARG B 97 -1.64 39.60 24.39
N ILE B 98 -0.84 39.02 23.49
CA ILE B 98 -0.38 37.61 23.58
C ILE B 98 0.76 37.55 24.62
N VAL B 99 0.52 36.88 25.75
CA VAL B 99 1.47 36.82 26.90
C VAL B 99 2.27 35.52 26.84
N ILE B 100 1.62 34.38 26.60
CA ILE B 100 2.26 33.03 26.60
C ILE B 100 2.53 32.62 25.15
N THR B 101 3.74 32.11 24.88
CA THR B 101 4.14 31.56 23.56
C THR B 101 3.26 30.32 23.28
N GLU B 102 2.59 30.31 22.14
CA GLU B 102 1.77 29.17 21.66
C GLU B 102 2.60 28.34 20.67
N PHE B 103 2.08 27.19 20.24
CA PHE B 103 2.76 26.24 19.34
C PHE B 103 3.53 26.98 18.24
N GLY B 104 2.84 27.84 17.48
CA GLY B 104 3.42 28.54 16.32
C GLY B 104 3.33 30.06 16.41
N THR B 105 3.20 30.63 17.62
CA THR B 105 3.17 32.10 17.84
C THR B 105 4.01 32.45 19.07
N CYS B 106 5.14 33.14 18.84
N CYS B 106 5.14 33.13 18.86
CA CYS B 106 6.01 33.72 19.90
CA CYS B 106 6.02 33.67 19.94
C CYS B 106 5.30 34.91 20.54
C CYS B 106 5.37 34.91 20.54
N ALA B 107 5.28 34.96 21.87
CA ALA B 107 4.83 36.15 22.64
C ALA B 107 6.03 37.07 22.84
N PHE B 108 5.85 38.38 22.69
CA PHE B 108 6.91 39.39 22.96
C PHE B 108 6.55 40.15 24.24
N PRO B 109 7.56 40.56 25.06
CA PRO B 109 7.30 41.14 26.39
C PRO B 109 6.42 42.39 26.41
N GLY B 125 11.10 31.76 34.45
CA GLY B 125 11.77 30.99 33.39
C GLY B 125 10.89 30.83 32.16
N VAL B 126 10.86 29.63 31.57
CA VAL B 126 10.05 29.27 30.37
C VAL B 126 8.60 29.08 30.84
N GLU B 127 7.69 29.97 30.43
CA GLU B 127 6.23 29.84 30.70
C GLU B 127 5.59 28.96 29.62
N VAL B 128 5.40 27.68 29.92
CA VAL B 128 4.83 26.65 29.00
C VAL B 128 3.32 26.88 28.88
N THR B 129 2.78 26.82 27.66
CA THR B 129 1.34 27.05 27.38
C THR B 129 0.51 25.96 28.05
N ASP B 130 -0.64 26.37 28.61
CA ASP B 130 -1.70 25.49 29.18
C ASP B 130 -2.96 25.68 28.35
N ASN B 131 -2.84 26.22 27.14
CA ASN B 131 -3.94 26.41 26.16
C ASN B 131 -4.49 25.03 25.78
N ALA B 132 -5.54 24.58 26.46
CA ALA B 132 -6.07 23.19 26.40
C ALA B 132 -7.11 23.07 25.28
N LEU B 133 -6.69 23.27 24.03
CA LEU B 133 -7.61 23.41 22.88
C LEU B 133 -7.82 22.06 22.16
N VAL B 134 -7.18 20.97 22.59
CA VAL B 134 -7.06 19.72 21.77
C VAL B 134 -8.13 18.69 22.15
N ASN B 135 -8.28 18.35 23.43
CA ASN B 135 -9.15 17.22 23.86
C ASN B 135 -9.61 17.42 25.31
N ILE B 136 -10.58 16.59 25.72
CA ILE B 136 -11.09 16.49 27.12
C ILE B 136 -11.27 15.01 27.43
N TYR B 137 -10.87 14.56 28.63
CA TYR B 137 -10.98 13.15 29.05
C TYR B 137 -11.26 13.04 30.55
N PRO B 138 -11.87 11.92 30.99
CA PRO B 138 -12.17 11.70 32.40
C PRO B 138 -10.96 11.13 33.17
N VAL B 139 -10.78 11.62 34.40
CA VAL B 139 -9.90 11.02 35.44
C VAL B 139 -10.72 10.97 36.74
N GLY B 140 -10.94 9.77 37.29
CA GLY B 140 -11.89 9.55 38.40
C GLY B 140 -13.23 10.15 38.06
N GLU B 141 -13.76 11.03 38.92
CA GLU B 141 -15.07 11.72 38.73
C GLU B 141 -14.89 13.06 37.99
N ASP B 142 -13.65 13.38 37.61
CA ASP B 142 -13.27 14.71 37.05
C ASP B 142 -13.08 14.62 35.54
N TYR B 143 -13.14 15.77 34.86
CA TYR B 143 -12.86 15.95 33.42
C TYR B 143 -11.76 17.00 33.26
N TYR B 144 -10.81 16.72 32.38
CA TYR B 144 -9.62 17.56 32.08
C TYR B 144 -9.58 17.86 30.58
N ALA B 145 -9.62 19.15 30.23
CA ALA B 145 -9.20 19.65 28.90
C ALA B 145 -7.67 19.61 28.86
N CYS B 146 -7.07 19.34 27.71
CA CYS B 146 -5.61 19.22 27.57
C CYS B 146 -5.15 19.80 26.22
N THR B 147 -3.86 20.13 26.16
CA THR B 147 -3.04 20.22 24.94
C THR B 147 -2.04 19.06 25.06
N GLU B 148 -0.75 19.29 24.81
CA GLU B 148 0.28 18.23 24.81
C GLU B 148 1.43 18.60 25.76
N THR B 149 1.20 19.53 26.68
CA THR B 149 2.22 20.01 27.66
C THR B 149 1.99 19.31 29.01
N ASN B 150 2.69 19.78 30.04
CA ASN B 150 2.63 19.24 31.43
C ASN B 150 1.36 19.76 32.13
N PHE B 151 0.69 20.76 31.55
CA PHE B 151 -0.49 21.45 32.14
C PHE B 151 -1.79 20.92 31.51
N ILE B 152 -2.66 20.35 32.35
CA ILE B 152 -4.06 20.00 31.98
C ILE B 152 -5.00 20.84 32.86
N THR B 153 -6.21 21.10 32.38
CA THR B 153 -7.17 22.03 33.02
C THR B 153 -8.44 21.27 33.42
N LYS B 154 -8.68 21.13 34.72
CA LYS B 154 -9.94 20.57 35.27
C LYS B 154 -11.08 21.52 34.90
N VAL B 155 -12.15 20.97 34.31
CA VAL B 155 -13.33 21.74 33.83
C VAL B 155 -14.59 21.06 34.36
N ASN B 156 -15.65 21.86 34.53
CA ASN B 156 -16.99 21.38 34.95
C ASN B 156 -17.76 20.99 33.69
N PRO B 157 -18.08 19.69 33.50
CA PRO B 157 -18.70 19.22 32.26
C PRO B 157 -20.15 19.69 32.08
N GLU B 158 -20.78 20.21 33.15
CA GLU B 158 -22.20 20.66 33.14
C GLU B 158 -22.28 22.16 32.86
N THR B 159 -21.43 22.98 33.50
CA THR B 159 -21.45 24.47 33.40
C THR B 159 -20.37 24.96 32.42
N LEU B 160 -19.36 24.12 32.12
CA LEU B 160 -18.18 24.46 31.27
C LEU B 160 -17.29 25.49 31.98
N GLU B 161 -17.42 25.61 33.31
CA GLU B 161 -16.56 26.49 34.15
C GLU B 161 -15.18 25.85 34.28
N THR B 162 -14.14 26.67 34.32
CA THR B 162 -12.74 26.24 34.56
C THR B 162 -12.55 26.11 36.08
N ILE B 163 -12.03 24.96 36.54
CA ILE B 163 -11.90 24.66 37.99
C ILE B 163 -10.46 24.90 38.43
N LYS B 164 -9.48 24.29 37.76
CA LYS B 164 -8.08 24.30 38.25
C LYS B 164 -7.10 23.93 37.13
N GLN B 165 -5.89 24.49 37.20
CA GLN B 165 -4.71 24.06 36.40
C GLN B 165 -3.98 22.98 37.20
N VAL B 166 -3.60 21.89 36.55
CA VAL B 166 -2.84 20.75 37.15
C VAL B 166 -1.53 20.61 36.39
N ASP B 167 -0.40 20.58 37.12
CA ASP B 167 0.96 20.37 36.57
C ASP B 167 1.34 18.90 36.81
N LEU B 168 1.37 18.10 35.75
CA LEU B 168 1.66 16.64 35.82
C LEU B 168 3.07 16.42 36.37
N CYS B 169 3.97 17.40 36.19
CA CYS B 169 5.37 17.37 36.70
C CYS B 169 5.40 17.36 38.23
N ASN B 170 4.32 17.81 38.89
CA ASN B 170 4.15 17.74 40.37
C ASN B 170 3.93 16.30 40.82
N TYR B 171 3.61 15.39 39.89
CA TYR B 171 3.15 14.00 40.20
C TYR B 171 4.07 12.95 39.58
N VAL B 172 4.54 13.15 38.34
CA VAL B 172 5.32 12.12 37.58
C VAL B 172 6.41 12.80 36.74
N SER B 173 7.44 12.03 36.38
CA SER B 173 8.62 12.47 35.59
C SER B 173 8.29 12.40 34.09
N VAL B 174 7.59 13.42 33.57
CA VAL B 174 7.37 13.65 32.11
C VAL B 174 7.46 15.16 31.83
N ASN B 175 7.90 15.54 30.64
CA ASN B 175 8.02 16.94 30.18
C ASN B 175 6.68 17.39 29.59
N GLY B 176 5.87 16.43 29.15
CA GLY B 176 4.49 16.63 28.68
C GLY B 176 3.77 15.29 28.59
N ALA B 177 2.52 15.29 28.16
CA ALA B 177 1.73 14.07 27.86
C ALA B 177 0.80 14.37 26.69
N THR B 178 0.48 13.36 25.87
CA THR B 178 -0.35 13.52 24.66
C THR B 178 -1.78 13.92 25.06
N ALA B 179 -2.54 14.41 24.09
CA ALA B 179 -3.99 14.71 24.22
C ALA B 179 -4.81 13.45 23.95
N HIS B 180 -4.17 12.27 23.87
CA HIS B 180 -4.82 10.98 23.51
C HIS B 180 -4.50 9.90 24.54
N PRO B 181 -4.83 10.10 25.83
CA PRO B 181 -4.74 9.03 26.81
C PRO B 181 -5.70 7.91 26.43
N HIS B 182 -5.35 6.67 26.72
CA HIS B 182 -6.25 5.50 26.65
C HIS B 182 -6.96 5.36 28.02
N ILE B 183 -8.27 5.15 27.99
CA ILE B 183 -9.15 4.98 29.18
C ILE B 183 -9.67 3.55 29.18
N GLU B 184 -9.24 2.70 30.12
CA GLU B 184 -9.78 1.33 30.30
C GLU B 184 -11.20 1.45 30.89
N ASN B 185 -11.97 0.36 30.84
CA ASN B 185 -13.41 0.36 31.23
C ASN B 185 -13.56 0.66 32.74
N ASP B 186 -12.57 0.31 33.56
CA ASP B 186 -12.59 0.55 35.03
C ASP B 186 -12.18 1.99 35.37
N GLY B 187 -11.76 2.78 34.37
CA GLY B 187 -11.43 4.22 34.54
C GLY B 187 -9.93 4.47 34.62
N THR B 188 -9.11 3.42 34.58
CA THR B 188 -7.62 3.53 34.51
C THR B 188 -7.24 4.32 33.26
N VAL B 189 -6.37 5.32 33.43
CA VAL B 189 -5.87 6.20 32.32
C VAL B 189 -4.41 5.85 32.06
N TYR B 190 -4.07 5.58 30.81
CA TYR B 190 -2.68 5.41 30.32
C TYR B 190 -2.36 6.59 29.40
N ASN B 191 -1.14 7.12 29.50
CA ASN B 191 -0.65 8.18 28.58
C ASN B 191 0.85 7.99 28.39
N ILE B 192 1.41 8.71 27.41
CA ILE B 192 2.86 8.69 27.09
C ILE B 192 3.35 10.14 27.00
N GLY B 193 4.60 10.38 27.36
CA GLY B 193 5.26 11.70 27.27
C GLY B 193 6.77 11.58 27.16
N ASN B 194 7.42 12.57 26.56
CA ASN B 194 8.90 12.72 26.55
C ASN B 194 9.39 12.89 28.00
N CYS B 195 10.54 12.35 28.34
CA CYS B 195 11.18 12.43 29.69
C CYS B 195 12.71 12.34 29.56
N PHE B 196 13.43 12.35 30.69
CA PHE B 196 14.92 12.29 30.74
C PHE B 196 15.41 10.90 31.18
N GLY B 197 16.47 10.41 30.52
CA GLY B 197 17.16 9.14 30.86
C GLY B 197 16.23 7.94 30.74
N ILE B 202 17.51 10.89 27.11
CA ILE B 202 16.09 11.14 26.75
C ILE B 202 15.38 9.78 26.56
N ALA B 203 14.12 9.67 27.00
CA ALA B 203 13.27 8.48 26.86
C ALA B 203 11.79 8.90 26.78
N TYR B 204 10.89 7.92 26.64
CA TYR B 204 9.42 8.14 26.64
C TYR B 204 8.82 7.28 27.76
N ASN B 205 8.06 7.92 28.66
CA ASN B 205 7.49 7.27 29.87
C ASN B 205 6.00 7.03 29.65
N ILE B 206 5.53 5.83 29.97
CA ILE B 206 4.08 5.51 30.09
C ILE B 206 3.64 5.88 31.50
N VAL B 207 2.70 6.82 31.60
CA VAL B 207 2.04 7.23 32.88
C VAL B 207 0.76 6.41 33.03
N LYS B 208 0.51 5.90 34.24
CA LYS B 208 -0.74 5.20 34.63
C LYS B 208 -1.40 6.00 35.75
N ILE B 209 -2.64 6.42 35.54
CA ILE B 209 -3.52 7.04 36.58
C ILE B 209 -4.57 6.02 36.95
N PRO B 210 -4.63 5.56 38.23
CA PRO B 210 -5.57 4.52 38.62
C PRO B 210 -7.01 5.02 38.67
N PRO B 211 -8.01 4.10 38.75
CA PRO B 211 -9.40 4.51 38.97
C PRO B 211 -9.58 5.18 40.34
N LEU B 212 -10.67 5.94 40.51
CA LEU B 212 -11.06 6.50 41.84
C LEU B 212 -11.31 5.33 42.78
N GLN B 213 -10.64 5.30 43.95
CA GLN B 213 -10.74 4.23 44.97
C GLN B 213 -11.81 4.62 46.01
N ALA B 214 -12.07 3.73 46.97
CA ALA B 214 -13.01 3.93 48.10
C ALA B 214 -12.56 5.14 48.95
N ASP B 215 -11.23 5.30 49.14
CA ASP B 215 -10.62 6.41 49.93
C ASP B 215 -10.95 7.76 49.31
N LYS B 216 -11.31 7.79 48.02
CA LYS B 216 -11.87 8.98 47.29
C LYS B 216 -10.80 10.05 47.07
N GLU B 217 -9.51 9.73 47.26
CA GLU B 217 -8.37 10.67 47.04
C GLU B 217 -8.20 10.88 45.54
N ASP B 218 -7.69 12.05 45.14
CA ASP B 218 -7.47 12.43 43.71
C ASP B 218 -6.59 11.39 43.05
N PRO B 219 -7.09 10.66 42.01
CA PRO B 219 -6.29 9.64 41.34
C PRO B 219 -4.97 10.15 40.75
N ILE B 220 -4.89 11.44 40.38
CA ILE B 220 -3.65 12.05 39.80
C ILE B 220 -2.50 11.99 40.82
N SER B 221 -2.82 12.06 42.12
CA SER B 221 -1.82 11.98 43.23
C SER B 221 -1.30 10.54 43.37
N LYS B 222 -1.93 9.55 42.70
CA LYS B 222 -1.48 8.14 42.69
C LYS B 222 -0.88 7.77 41.32
N SER B 223 -0.60 8.77 40.47
CA SER B 223 0.07 8.61 39.15
C SER B 223 1.43 7.95 39.34
N GLU B 224 1.82 7.07 38.40
CA GLU B 224 3.14 6.39 38.41
C GLU B 224 3.59 6.12 36.96
N ILE B 225 4.92 6.03 36.76
CA ILE B 225 5.54 5.56 35.49
C ILE B 225 5.59 4.03 35.56
N VAL B 226 4.93 3.34 34.64
CA VAL B 226 4.84 1.84 34.63
C VAL B 226 5.92 1.26 33.70
N VAL B 227 6.29 1.94 32.61
CA VAL B 227 7.35 1.45 31.68
C VAL B 227 7.94 2.61 30.90
N GLN B 228 9.18 2.45 30.44
CA GLN B 228 9.94 3.45 29.67
C GLN B 228 10.34 2.85 28.32
N PHE B 229 10.13 3.61 27.23
CA PHE B 229 10.61 3.29 25.87
C PHE B 229 11.92 4.04 25.63
N PRO B 230 12.94 3.40 25.02
CA PRO B 230 14.18 4.09 24.68
C PRO B 230 13.96 5.05 23.50
N CYS B 231 14.89 5.98 23.31
CA CYS B 231 14.87 6.98 22.21
C CYS B 231 15.94 6.63 21.17
N SER B 232 15.64 6.85 19.89
CA SER B 232 16.51 6.55 18.72
C SER B 232 17.72 7.48 18.73
N ASP B 233 17.55 8.69 19.25
CA ASP B 233 18.58 9.76 19.28
C ASP B 233 18.75 10.19 20.75
N ARG B 234 19.98 10.13 21.26
CA ARG B 234 20.32 10.43 22.67
C ARG B 234 19.71 11.77 23.09
N PHE B 235 19.75 12.79 22.22
CA PHE B 235 19.44 14.21 22.56
C PHE B 235 18.16 14.72 21.87
N LYS B 236 17.51 13.91 21.02
CA LYS B 236 16.34 14.37 20.21
C LYS B 236 15.20 13.36 20.31
N PRO B 237 14.17 13.63 21.15
CA PRO B 237 12.98 12.77 21.18
C PRO B 237 12.14 13.02 19.93
N SER B 238 11.43 11.98 19.46
CA SER B 238 10.39 12.10 18.41
C SER B 238 9.18 12.79 19.01
N TYR B 239 8.47 13.57 18.19
CA TYR B 239 7.10 14.05 18.48
C TYR B 239 6.19 12.82 18.61
N VAL B 240 5.41 12.74 19.68
CA VAL B 240 4.42 11.64 19.89
C VAL B 240 3.05 12.28 20.14
N HIS B 241 2.06 11.88 19.35
CA HIS B 241 0.68 12.44 19.38
C HIS B 241 -0.28 11.43 20.03
N SER B 242 -0.03 10.14 19.86
CA SER B 242 -0.89 9.04 20.35
C SER B 242 -0.07 7.74 20.43
N PHE B 243 -0.67 6.68 20.95
CA PHE B 243 -0.02 5.35 21.13
C PHE B 243 -1.11 4.27 21.12
N GLY B 244 -0.70 3.02 21.02
CA GLY B 244 -1.60 1.85 20.98
C GLY B 244 -1.63 1.14 22.32
N LEU B 245 -2.79 0.60 22.69
CA LEU B 245 -2.97 -0.18 23.94
C LEU B 245 -3.87 -1.38 23.66
N THR B 246 -3.43 -2.57 24.09
CA THR B 246 -4.22 -3.82 24.11
C THR B 246 -4.30 -4.29 25.56
N PRO B 247 -5.05 -5.37 25.88
CA PRO B 247 -5.04 -5.92 27.23
C PRO B 247 -3.61 -6.20 27.73
N ASN B 248 -2.72 -6.66 26.85
CA ASN B 248 -1.38 -7.20 27.24
C ASN B 248 -0.23 -6.33 26.76
N TYR B 249 -0.45 -5.39 25.84
CA TYR B 249 0.67 -4.66 25.18
C TYR B 249 0.40 -3.17 25.04
N ILE B 250 1.49 -2.41 25.04
CA ILE B 250 1.57 -0.97 24.71
C ILE B 250 2.40 -0.85 23.44
N VAL B 251 1.89 -0.15 22.43
CA VAL B 251 2.60 0.08 21.13
C VAL B 251 2.91 1.56 21.00
N PHE B 252 4.19 1.88 20.79
CA PHE B 252 4.69 3.25 20.58
C PHE B 252 5.39 3.32 19.22
N VAL B 253 5.00 4.28 18.39
CA VAL B 253 5.58 4.47 17.02
C VAL B 253 6.48 5.71 17.07
N GLU B 254 7.78 5.50 16.93
CA GLU B 254 8.82 6.57 16.95
C GLU B 254 9.06 7.01 15.51
N THR B 255 8.61 8.22 15.17
CA THR B 255 8.61 8.78 13.79
C THR B 255 9.85 9.64 13.58
N PRO B 256 10.21 9.95 12.32
CA PRO B 256 11.36 10.81 12.04
C PRO B 256 11.14 12.31 12.30
N VAL B 257 9.97 12.71 12.81
CA VAL B 257 9.72 14.10 13.29
C VAL B 257 10.35 14.25 14.67
N LYS B 258 11.46 14.99 14.76
CA LYS B 258 12.30 15.10 15.98
C LYS B 258 12.17 16.50 16.58
N ILE B 259 12.28 16.58 17.91
CA ILE B 259 12.34 17.86 18.68
C ILE B 259 13.82 18.13 18.98
N ASN B 260 14.35 19.23 18.45
CA ASN B 260 15.75 19.66 18.64
C ASN B 260 15.82 20.51 19.92
N LEU B 261 16.17 19.88 21.05
CA LEU B 261 16.22 20.52 22.39
C LEU B 261 17.29 21.63 22.41
N PHE B 262 18.29 21.57 21.52
CA PHE B 262 19.34 22.61 21.33
C PHE B 262 18.75 23.79 20.54
N GLY B 272 13.36 34.61 20.59
CA GLY B 272 12.01 34.72 20.00
C GLY B 272 11.63 33.46 19.24
N ALA B 273 11.82 32.28 19.84
CA ALA B 273 11.47 30.96 19.26
C ALA B 273 10.11 30.49 19.79
N ASN B 274 9.36 29.75 18.97
CA ASN B 274 8.12 29.04 19.37
C ASN B 274 8.41 27.54 19.32
N TYR B 275 7.39 26.70 19.53
CA TYR B 275 7.54 25.22 19.56
C TYR B 275 7.85 24.70 18.14
N MET B 276 7.12 25.18 17.13
N MET B 276 7.13 25.20 17.13
CA MET B 276 7.28 24.78 15.70
CA MET B 276 7.29 24.75 15.72
C MET B 276 8.76 24.91 15.30
C MET B 276 8.74 24.93 15.26
N ASP B 277 9.44 25.97 15.75
CA ASP B 277 10.85 26.28 15.38
C ASP B 277 11.80 25.17 15.82
N CYS B 278 11.40 24.32 16.78
CA CYS B 278 12.28 23.29 17.39
C CYS B 278 12.18 21.95 16.66
N PHE B 279 11.24 21.78 15.74
CA PHE B 279 10.99 20.50 15.02
C PHE B 279 11.93 20.41 13.81
N GLU B 280 12.44 19.20 13.56
CA GLU B 280 13.25 18.86 12.35
C GLU B 280 12.94 17.41 11.97
N SER B 281 13.22 17.06 10.71
CA SER B 281 12.99 15.70 10.16
C SER B 281 14.32 14.95 10.10
N ASN B 282 14.38 13.77 10.69
CA ASN B 282 15.51 12.82 10.52
C ASN B 282 15.27 12.05 9.22
N GLU B 283 16.19 12.19 8.25
CA GLU B 283 15.99 11.69 6.86
C GLU B 283 16.28 10.19 6.75
N THR B 284 17.06 9.61 7.65
CA THR B 284 17.67 8.25 7.46
C THR B 284 17.05 7.19 8.38
N MET B 285 16.42 7.57 9.50
CA MET B 285 15.99 6.57 10.54
C MET B 285 14.72 5.83 10.10
N GLY B 286 13.89 6.42 9.24
CA GLY B 286 12.54 5.90 8.93
C GLY B 286 11.67 5.89 10.20
N VAL B 287 10.85 4.86 10.37
CA VAL B 287 9.97 4.69 11.56
C VAL B 287 10.43 3.47 12.37
N TRP B 288 10.59 3.66 13.68
CA TRP B 288 10.89 2.58 14.66
C TRP B 288 9.61 2.28 15.44
N LEU B 289 9.16 1.03 15.44
CA LEU B 289 7.96 0.62 16.24
C LEU B 289 8.45 -0.13 17.48
N HIS B 290 7.78 0.11 18.60
CA HIS B 290 8.19 -0.35 19.95
C HIS B 290 6.98 -1.01 20.62
N ILE B 291 7.18 -2.15 21.25
CA ILE B 291 6.14 -2.81 22.09
C ILE B 291 6.70 -2.96 23.51
N ALA B 292 5.82 -2.82 24.50
CA ALA B 292 6.09 -3.11 25.92
C ALA B 292 5.01 -4.06 26.43
N ASP B 293 5.41 -5.03 27.26
CA ASP B 293 4.50 -5.91 28.02
C ASP B 293 3.82 -5.04 29.10
N LYS B 294 2.51 -4.87 29.00
CA LYS B 294 1.71 -3.96 29.86
C LYS B 294 1.70 -4.51 31.30
N LYS B 295 1.46 -5.81 31.47
CA LYS B 295 1.22 -6.45 32.80
C LYS B 295 2.56 -6.70 33.50
N ARG B 296 3.62 -7.07 32.79
CA ARG B 296 4.96 -7.31 33.36
C ARG B 296 5.78 -6.00 33.38
N LYS B 297 5.24 -4.92 32.79
CA LYS B 297 5.83 -3.56 32.81
C LYS B 297 7.28 -3.62 32.29
N LYS B 298 7.49 -4.25 31.13
CA LYS B 298 8.84 -4.48 30.55
C LYS B 298 8.82 -4.08 29.07
N TYR B 299 9.80 -3.27 28.64
CA TYR B 299 10.10 -3.00 27.21
C TYR B 299 10.56 -4.32 26.57
N ILE B 300 10.03 -4.63 25.38
CA ILE B 300 10.46 -5.82 24.57
C ILE B 300 11.43 -5.34 23.49
N ASN B 301 12.63 -5.93 23.44
CA ASN B 301 13.74 -5.46 22.56
C ASN B 301 13.60 -6.11 21.18
N ASN B 302 12.45 -5.93 20.54
CA ASN B 302 12.21 -6.29 19.11
C ASN B 302 12.40 -5.00 18.31
N LYS B 303 13.33 -5.01 17.36
N LYS B 303 13.33 -5.02 17.36
CA LYS B 303 13.71 -3.83 16.54
CA LYS B 303 13.73 -3.85 16.53
C LYS B 303 12.84 -3.79 15.28
C LYS B 303 12.84 -3.81 15.28
N TYR B 304 11.57 -3.41 15.42
CA TYR B 304 10.63 -3.21 14.30
C TYR B 304 11.02 -1.92 13.56
N ARG B 305 11.14 -2.00 12.24
CA ARG B 305 11.61 -0.88 11.38
C ARG B 305 10.72 -0.82 10.13
N THR B 306 10.43 0.39 9.65
CA THR B 306 9.77 0.58 8.34
C THR B 306 10.14 1.94 7.76
N SER B 307 9.57 2.27 6.59
N SER B 307 9.55 2.26 6.60
CA SER B 307 9.82 3.49 5.81
CA SER B 307 9.77 3.50 5.80
C SER B 307 9.27 4.70 6.56
C SER B 307 9.26 4.71 6.57
N PRO B 308 9.75 5.93 6.26
CA PRO B 308 9.30 7.13 6.98
C PRO B 308 7.84 7.53 6.72
N PHE B 309 7.13 7.90 7.79
CA PHE B 309 5.80 8.55 7.75
C PHE B 309 5.62 9.40 9.01
N ASN B 310 4.77 10.42 8.93
CA ASN B 310 4.17 11.11 10.09
C ASN B 310 3.02 10.24 10.61
N LEU B 311 2.85 10.19 11.93
CA LEU B 311 1.68 9.54 12.59
C LEU B 311 1.14 10.49 13.66
N PHE B 312 -0.14 10.82 13.58
CA PHE B 312 -0.87 11.55 14.65
C PHE B 312 -1.76 10.54 15.40
N HIS B 313 -2.61 9.82 14.67
CA HIS B 313 -3.70 9.00 15.27
C HIS B 313 -3.53 7.52 14.95
N HIS B 314 -3.29 6.72 15.99
CA HIS B 314 -3.63 5.28 16.05
C HIS B 314 -5.15 5.16 15.85
N ILE B 315 -5.61 4.20 15.06
CA ILE B 315 -7.06 3.88 14.92
C ILE B 315 -7.45 2.91 16.04
N ASN B 316 -6.79 1.75 16.05
CA ASN B 316 -7.01 0.68 17.05
C ASN B 316 -5.84 -0.29 16.96
N THR B 317 -5.62 -1.04 18.04
CA THR B 317 -4.56 -2.05 18.18
C THR B 317 -5.20 -3.30 18.80
N TYR B 318 -4.83 -4.50 18.36
CA TYR B 318 -5.32 -5.74 18.99
C TYR B 318 -4.36 -6.89 18.75
N GLU B 319 -4.55 -7.95 19.54
CA GLU B 319 -3.74 -9.19 19.52
C GLU B 319 -4.47 -10.23 18.68
N ASP B 320 -3.74 -10.91 17.80
CA ASP B 320 -4.27 -11.99 16.94
C ASP B 320 -3.18 -13.07 16.88
N HIS B 321 -3.35 -14.17 17.61
CA HIS B 321 -2.42 -15.33 17.64
C HIS B 321 -0.95 -14.89 17.77
N GLU B 322 -0.60 -14.07 18.75
CA GLU B 322 0.83 -13.69 19.01
C GLU B 322 1.35 -12.79 17.86
N PHE B 323 0.46 -12.02 17.26
CA PHE B 323 0.78 -10.83 16.42
C PHE B 323 0.01 -9.65 17.01
N LEU B 324 0.62 -8.46 16.97
CA LEU B 324 -0.10 -7.18 17.20
C LEU B 324 -0.53 -6.61 15.85
N ILE B 325 -1.84 -6.38 15.70
CA ILE B 325 -2.45 -5.67 14.55
C ILE B 325 -2.48 -4.18 14.92
N VAL B 326 -1.77 -3.35 14.16
CA VAL B 326 -1.54 -1.91 14.45
C VAL B 326 -2.12 -1.09 13.27
N ASP B 327 -3.34 -0.58 13.43
CA ASP B 327 -4.04 0.24 12.41
C ASP B 327 -3.73 1.72 12.68
N LEU B 328 -3.19 2.42 11.67
CA LEU B 328 -2.61 3.79 11.78
C LEU B 328 -3.16 4.68 10.66
N CYS B 329 -3.40 5.95 10.98
CA CYS B 329 -3.54 7.05 10.00
C CYS B 329 -2.16 7.65 9.72
N CYS B 330 -1.56 7.30 8.58
CA CYS B 330 -0.18 7.68 8.22
C CYS B 330 -0.17 8.84 7.23
N TRP B 331 0.93 9.57 7.21
CA TRP B 331 1.27 10.58 6.18
C TRP B 331 2.64 10.22 5.60
N LYS B 332 2.67 9.83 4.32
CA LYS B 332 3.87 9.25 3.67
C LYS B 332 4.91 10.35 3.44
N GLY B 333 6.07 10.22 4.09
CA GLY B 333 7.18 11.20 4.04
C GLY B 333 7.64 11.57 5.43
N PHE B 334 8.77 12.26 5.56
CA PHE B 334 9.33 12.65 6.88
C PHE B 334 9.11 14.14 7.15
N GLU B 335 8.69 14.93 6.15
CA GLU B 335 8.35 16.36 6.38
C GLU B 335 7.20 16.44 7.37
N PHE B 336 7.31 17.34 8.36
CA PHE B 336 6.28 17.53 9.42
C PHE B 336 5.02 18.11 8.78
N VAL B 337 3.92 17.36 8.88
CA VAL B 337 2.60 17.75 8.30
C VAL B 337 2.14 19.10 8.89
N TYR B 338 2.53 19.42 10.12
CA TYR B 338 2.12 20.66 10.82
C TYR B 338 2.61 21.90 10.07
N ASN B 339 3.64 21.77 9.23
CA ASN B 339 4.16 22.87 8.36
C ASN B 339 3.05 23.39 7.44
N TYR B 340 2.03 22.58 7.14
CA TYR B 340 0.95 22.91 6.17
C TYR B 340 -0.29 23.47 6.88
N LEU B 341 -0.23 23.72 8.18
CA LEU B 341 -1.42 24.03 9.01
C LEU B 341 -1.31 25.42 9.66
N TYR B 342 -0.57 26.36 9.06
CA TYR B 342 -0.59 27.79 9.44
C TYR B 342 -1.92 28.39 8.97
N LEU B 343 -2.54 29.26 9.79
CA LEU B 343 -3.89 29.82 9.54
C LEU B 343 -3.92 30.59 8.22
N ALA B 344 -2.84 31.31 7.90
CA ALA B 344 -2.70 32.11 6.65
C ALA B 344 -2.93 31.19 5.44
N ASN B 345 -2.46 29.95 5.51
CA ASN B 345 -2.54 28.96 4.39
C ASN B 345 -3.94 28.33 4.37
N LEU B 346 -4.49 27.97 5.53
CA LEU B 346 -5.84 27.35 5.64
C LEU B 346 -6.95 28.35 5.30
N ARG B 347 -6.66 29.66 5.34
CA ARG B 347 -7.64 30.74 5.04
C ARG B 347 -7.56 31.18 3.57
N GLU B 348 -6.60 30.68 2.80
CA GLU B 348 -6.43 31.05 1.37
C GLU B 348 -7.65 30.58 0.58
N ASN B 349 -7.83 31.11 -0.63
CA ASN B 349 -8.87 30.67 -1.59
C ASN B 349 -8.54 29.24 -2.03
N TRP B 350 -9.54 28.52 -2.54
CA TRP B 350 -9.51 27.05 -2.75
C TRP B 350 -8.38 26.64 -3.69
N GLU B 351 -8.18 27.35 -4.80
CA GLU B 351 -7.15 27.02 -5.81
C GLU B 351 -5.76 27.09 -5.13
N GLU B 352 -5.57 28.02 -4.20
CA GLU B 352 -4.28 28.22 -3.48
C GLU B 352 -4.11 27.11 -2.42
N VAL B 353 -5.19 26.74 -1.73
CA VAL B 353 -5.18 25.63 -0.72
C VAL B 353 -4.71 24.34 -1.41
N LYS B 354 -5.27 24.03 -2.58
CA LYS B 354 -4.89 22.82 -3.37
C LYS B 354 -3.42 22.91 -3.77
N LYS B 355 -2.96 24.07 -4.26
CA LYS B 355 -1.56 24.27 -4.72
C LYS B 355 -0.60 24.07 -3.54
N ASN B 356 -0.95 24.58 -2.35
CA ASN B 356 -0.12 24.48 -1.12
C ASN B 356 0.08 23.01 -0.71
N ALA B 357 -0.87 22.13 -1.02
CA ALA B 357 -0.83 20.71 -0.57
C ALA B 357 -0.11 19.82 -1.60
N ARG B 358 0.33 20.36 -2.74
CA ARG B 358 0.86 19.57 -3.89
C ARG B 358 2.06 18.72 -3.46
N LYS B 359 2.95 19.26 -2.62
CA LYS B 359 4.21 18.58 -2.21
C LYS B 359 4.12 18.04 -0.78
N ALA B 360 2.94 18.06 -0.17
CA ALA B 360 2.73 17.58 1.21
C ALA B 360 2.84 16.05 1.22
N PRO B 361 3.14 15.44 2.40
CA PRO B 361 2.99 14.00 2.58
C PRO B 361 1.57 13.57 2.22
N GLN B 362 1.45 12.37 1.64
CA GLN B 362 0.16 11.77 1.20
C GLN B 362 -0.42 10.97 2.37
N PRO B 363 -1.71 11.18 2.73
CA PRO B 363 -2.33 10.42 3.81
C PRO B 363 -2.64 9.00 3.33
N GLU B 364 -2.57 8.03 4.24
CA GLU B 364 -2.85 6.60 3.93
C GLU B 364 -3.14 5.86 5.23
N VAL B 365 -4.26 5.14 5.29
CA VAL B 365 -4.56 4.22 6.41
C VAL B 365 -3.80 2.92 6.16
N ARG B 366 -2.97 2.52 7.12
CA ARG B 366 -2.08 1.33 7.02
C ARG B 366 -2.31 0.41 8.22
N ARG B 367 -2.39 -0.89 7.93
CA ARG B 367 -2.33 -1.97 8.95
C ARG B 367 -0.91 -2.53 8.96
N TYR B 368 -0.21 -2.39 10.08
CA TYR B 368 1.06 -3.08 10.36
C TYR B 368 0.76 -4.30 11.23
N VAL B 369 1.53 -5.37 11.04
CA VAL B 369 1.42 -6.62 11.85
C VAL B 369 2.80 -6.91 12.44
N LEU B 370 2.91 -6.85 13.77
CA LEU B 370 4.15 -7.03 14.54
C LEU B 370 4.18 -8.43 15.12
N PRO B 371 5.08 -9.32 14.67
CA PRO B 371 5.24 -10.63 15.31
C PRO B 371 5.84 -10.49 16.71
N LEU B 372 5.28 -11.21 17.68
CA LEU B 372 5.77 -11.26 19.09
C LEU B 372 6.81 -12.37 19.25
N ASN B 373 6.69 -13.45 18.47
CA ASN B 373 7.58 -14.65 18.54
C ASN B 373 8.56 -14.62 17.36
N ILE B 374 9.81 -14.19 17.62
CA ILE B 374 10.89 -14.07 16.61
C ILE B 374 11.81 -15.30 16.71
N ASP B 375 11.73 -16.20 15.73
CA ASP B 375 12.59 -17.42 15.63
C ASP B 375 13.73 -17.15 14.64
N LYS B 376 14.98 -17.25 15.10
CA LYS B 376 16.22 -17.03 14.29
C LYS B 376 16.23 -17.94 13.05
N ALA B 377 15.62 -19.13 13.15
CA ALA B 377 15.52 -20.12 12.04
C ALA B 377 14.78 -19.52 10.84
N ASP B 378 13.94 -18.48 11.06
CA ASP B 378 13.13 -17.82 10.00
C ASP B 378 13.83 -16.57 9.47
N THR B 379 15.11 -16.35 9.80
CA THR B 379 15.91 -15.21 9.28
C THR B 379 15.76 -15.18 7.74
N GLY B 380 15.46 -14.00 7.20
CA GLY B 380 15.34 -13.73 5.75
C GLY B 380 13.93 -13.95 5.24
N LYS B 381 13.01 -14.40 6.09
CA LYS B 381 11.63 -14.79 5.69
C LYS B 381 10.60 -13.84 6.30
N ASN B 382 9.39 -13.89 5.75
CA ASN B 382 8.17 -13.17 6.23
C ASN B 382 7.61 -13.95 7.43
N LEU B 383 7.56 -13.32 8.62
CA LEU B 383 7.09 -13.95 9.87
C LEU B 383 5.57 -13.85 10.00
N VAL B 384 4.89 -13.04 9.16
CA VAL B 384 3.42 -12.81 9.30
C VAL B 384 2.68 -13.96 8.61
N THR B 385 2.33 -14.99 9.38
CA THR B 385 1.72 -16.27 8.92
C THR B 385 0.20 -16.18 8.99
N LEU B 386 -0.35 -15.04 9.44
CA LEU B 386 -1.82 -14.81 9.51
C LEU B 386 -2.43 -14.97 8.12
N PRO B 387 -3.65 -15.57 8.02
CA PRO B 387 -4.26 -15.88 6.73
C PRO B 387 -5.00 -14.72 6.04
N ASN B 388 -5.28 -13.63 6.76
CA ASN B 388 -6.26 -12.58 6.41
CA ASN B 388 -6.24 -12.60 6.26
C ASN B 388 -5.55 -11.22 6.16
N THR B 389 -4.23 -11.21 5.96
CA THR B 389 -3.47 -9.94 5.77
C THR B 389 -2.39 -10.09 4.69
N THR B 390 -2.01 -8.97 4.07
CA THR B 390 -0.86 -8.87 3.13
C THR B 390 0.29 -8.10 3.80
N ALA B 391 0.13 -7.68 5.05
CA ALA B 391 1.24 -7.11 5.87
C ALA B 391 2.34 -8.16 6.02
N THR B 392 3.60 -7.73 5.96
CA THR B 392 4.79 -8.61 6.08
C THR B 392 5.71 -8.06 7.17
N ALA B 393 6.56 -8.93 7.69
CA ALA B 393 7.59 -8.61 8.70
C ALA B 393 8.80 -9.51 8.43
N ILE B 394 9.87 -8.95 7.85
CA ILE B 394 11.07 -9.72 7.43
C ILE B 394 12.10 -9.63 8.55
N LEU B 395 12.50 -10.79 9.08
CA LEU B 395 13.60 -10.92 10.05
C LEU B 395 14.93 -10.84 9.31
N CYS B 396 15.72 -9.80 9.59
CA CYS B 396 17.06 -9.59 8.99
C CYS B 396 18.14 -10.19 9.90
N SER B 397 19.36 -10.34 9.37
N SER B 397 19.36 -10.35 9.35
CA SER B 397 20.52 -10.96 10.05
CA SER B 397 20.53 -10.95 10.04
C SER B 397 20.97 -10.08 11.24
C SER B 397 20.94 -10.09 11.24
N ASP B 398 20.81 -8.76 11.13
CA ASP B 398 21.12 -7.79 12.22
C ASP B 398 19.98 -7.76 13.25
N GLU B 399 18.95 -8.59 13.08
CA GLU B 399 17.83 -8.83 14.03
C GLU B 399 16.79 -7.69 13.95
N THR B 400 16.96 -6.72 13.05
CA THR B 400 15.89 -5.75 12.71
C THR B 400 14.75 -6.52 12.01
N ILE B 401 13.50 -6.14 12.28
CA ILE B 401 12.30 -6.73 11.64
C ILE B 401 11.69 -5.66 10.74
N TRP B 402 11.88 -5.80 9.42
CA TRP B 402 11.39 -4.82 8.42
C TRP B 402 9.92 -5.09 8.12
N LEU B 403 9.06 -4.09 8.36
CA LEU B 403 7.59 -4.20 8.19
C LEU B 403 7.17 -3.56 6.86
N GLU B 404 6.24 -4.22 6.16
CA GLU B 404 5.45 -3.63 5.05
C GLU B 404 3.99 -3.65 5.48
N PRO B 405 3.23 -2.56 5.22
CA PRO B 405 1.84 -2.50 5.63
C PRO B 405 0.88 -3.17 4.63
N GLU B 406 -0.31 -3.50 5.11
CA GLU B 406 -1.53 -3.67 4.29
C GLU B 406 -2.22 -2.31 4.25
N VAL B 407 -2.41 -1.74 3.05
CA VAL B 407 -3.10 -0.43 2.89
C VAL B 407 -4.61 -0.66 2.96
N LEU B 408 -5.31 0.03 3.86
CA LEU B 408 -6.77 -0.13 4.08
C LEU B 408 -7.53 0.96 3.31
N PHE B 409 -6.94 2.14 3.13
CA PHE B 409 -7.58 3.32 2.51
C PHE B 409 -6.50 4.28 2.01
N SER B 410 -6.63 4.73 0.76
CA SER B 410 -5.65 5.63 0.08
C SER B 410 -6.37 6.46 -0.99
N GLY B 411 -6.47 7.77 -0.78
CA GLY B 411 -7.06 8.73 -1.71
C GLY B 411 -6.13 9.91 -1.93
N PRO B 412 -5.94 10.40 -3.19
CA PRO B 412 -5.00 11.49 -3.46
C PRO B 412 -5.32 12.77 -2.67
N ARG B 413 -4.48 13.09 -1.69
CA ARG B 413 -4.63 14.27 -0.80
C ARG B 413 -6.03 14.26 -0.14
N GLN B 414 -6.60 13.07 0.03
CA GLN B 414 -7.91 12.83 0.71
C GLN B 414 -7.64 11.92 1.91
N ALA B 415 -7.51 12.52 3.10
CA ALA B 415 -7.12 11.81 4.34
C ALA B 415 -8.36 11.23 5.02
N PHE B 416 -8.29 9.98 5.47
CA PHE B 416 -9.15 9.42 6.52
C PHE B 416 -8.44 9.72 7.84
N GLU B 417 -8.92 10.73 8.58
CA GLU B 417 -8.22 11.27 9.77
C GLU B 417 -9.21 11.39 10.93
N PHE B 418 -8.72 11.83 12.10
CA PHE B 418 -9.48 11.91 13.37
C PHE B 418 -10.28 10.62 13.52
N PRO B 419 -9.62 9.44 13.53
CA PRO B 419 -10.32 8.17 13.57
C PRO B 419 -11.01 7.92 14.91
N GLN B 420 -12.17 7.28 14.86
CA GLN B 420 -12.95 6.86 16.05
C GLN B 420 -13.50 5.46 15.78
N ILE B 421 -13.68 4.68 16.85
CA ILE B 421 -14.27 3.32 16.81
C ILE B 421 -15.32 3.24 17.91
N ASN B 422 -16.01 2.10 18.00
CA ASN B 422 -16.82 1.72 19.18
C ASN B 422 -15.82 1.39 20.29
N TYR B 423 -15.29 2.42 20.95
CA TYR B 423 -14.07 2.32 21.81
C TYR B 423 -14.36 1.49 23.06
N GLN B 424 -15.50 1.73 23.72
CA GLN B 424 -15.85 1.10 25.02
C GLN B 424 -15.81 -0.43 24.90
N LYS B 425 -16.27 -0.98 23.77
N LYS B 425 -16.28 -0.97 23.76
CA LYS B 425 -16.45 -2.45 23.58
CA LYS B 425 -16.47 -2.42 23.54
C LYS B 425 -15.37 -3.04 22.66
C LYS B 425 -15.33 -3.03 22.69
N TYR B 426 -14.72 -2.26 21.79
CA TYR B 426 -13.77 -2.79 20.77
C TYR B 426 -12.37 -2.17 20.87
N GLY B 427 -12.16 -1.16 21.71
CA GLY B 427 -10.82 -0.59 21.97
C GLY B 427 -9.85 -1.66 22.46
N GLY B 428 -8.73 -1.86 21.75
CA GLY B 428 -7.70 -2.86 22.11
C GLY B 428 -8.09 -4.28 21.73
N LYS B 429 -9.16 -4.45 20.94
CA LYS B 429 -9.75 -5.78 20.64
C LYS B 429 -9.98 -5.94 19.14
N PRO B 430 -10.10 -7.20 18.64
CA PRO B 430 -10.48 -7.43 17.25
C PRO B 430 -11.73 -6.59 16.91
N TYR B 431 -11.73 -5.96 15.74
CA TYR B 431 -12.79 -4.98 15.36
C TYR B 431 -12.90 -4.95 13.83
N THR B 432 -13.95 -4.28 13.34
CA THR B 432 -14.33 -4.25 11.90
C THR B 432 -14.44 -2.81 11.39
N TYR B 433 -14.87 -1.86 12.21
CA TYR B 433 -15.35 -0.53 11.74
C TYR B 433 -14.56 0.62 12.39
N ALA B 434 -14.14 1.56 11.56
CA ALA B 434 -13.59 2.88 11.96
C ALA B 434 -14.39 3.99 11.27
N TYR B 435 -14.55 5.11 11.97
CA TYR B 435 -15.18 6.36 11.47
C TYR B 435 -14.10 7.42 11.42
N GLY B 436 -14.18 8.32 10.44
CA GLY B 436 -13.14 9.32 10.22
C GLY B 436 -13.69 10.60 9.63
N LEU B 437 -12.93 11.67 9.83
CA LEU B 437 -13.08 12.96 9.12
C LEU B 437 -12.27 12.90 7.83
N GLY B 438 -12.90 13.16 6.69
CA GLY B 438 -12.23 13.23 5.38
C GLY B 438 -11.65 14.62 5.17
N LEU B 439 -10.33 14.72 5.04
CA LEU B 439 -9.61 15.98 4.75
C LEU B 439 -9.28 16.04 3.25
N ASN B 440 -9.75 17.10 2.59
CA ASN B 440 -9.55 17.39 1.15
C ASN B 440 -8.49 18.50 1.04
N HIS B 441 -7.24 18.13 0.76
CA HIS B 441 -6.07 19.05 0.82
C HIS B 441 -6.07 19.78 2.17
N PHE B 442 -6.33 19.05 3.26
CA PHE B 442 -6.30 19.50 4.69
C PHE B 442 -7.61 20.18 5.10
N VAL B 443 -8.57 20.37 4.19
CA VAL B 443 -9.90 20.98 4.52
C VAL B 443 -10.87 19.85 4.84
N PRO B 444 -11.46 19.82 6.05
CA PRO B 444 -12.45 18.80 6.40
C PRO B 444 -13.76 19.02 5.64
N ASP B 445 -14.20 18.05 4.83
CA ASP B 445 -15.37 18.25 3.92
C ASP B 445 -16.24 16.99 3.78
N ARG B 446 -16.02 15.94 4.58
CA ARG B 446 -16.85 14.72 4.51
C ARG B 446 -16.61 13.86 5.75
N LEU B 447 -17.55 12.95 6.03
CA LEU B 447 -17.44 11.92 7.10
C LEU B 447 -17.37 10.56 6.41
N CYS B 448 -16.54 9.67 6.95
CA CYS B 448 -16.18 8.38 6.33
C CYS B 448 -16.36 7.24 7.34
N LYS B 449 -16.81 6.09 6.85
CA LYS B 449 -16.79 4.82 7.60
C LYS B 449 -15.97 3.84 6.78
N LEU B 450 -15.06 3.12 7.45
CA LEU B 450 -14.17 2.12 6.83
C LEU B 450 -14.41 0.77 7.51
N ASN B 451 -14.71 -0.26 6.71
CA ASN B 451 -14.61 -1.68 7.13
C ASN B 451 -13.14 -2.08 6.94
N VAL B 452 -12.40 -2.26 8.03
CA VAL B 452 -10.93 -2.53 8.00
C VAL B 452 -10.67 -3.97 7.53
N LYS B 453 -11.68 -4.85 7.48
CA LYS B 453 -11.54 -6.25 6.99
C LYS B 453 -11.75 -6.32 5.46
N THR B 454 -12.76 -5.64 4.92
CA THR B 454 -13.16 -5.70 3.48
C THR B 454 -12.68 -4.45 2.71
N LYS B 455 -12.36 -3.37 3.43
CA LYS B 455 -11.94 -2.06 2.86
C LYS B 455 -13.13 -1.35 2.20
N GLU B 456 -14.35 -1.84 2.38
CA GLU B 456 -15.57 -1.10 1.96
C GLU B 456 -15.63 0.24 2.70
N THR B 457 -16.05 1.31 2.03
CA THR B 457 -16.21 2.66 2.63
C THR B 457 -17.64 3.14 2.43
N TRP B 458 -18.09 4.00 3.34
CA TRP B 458 -19.33 4.81 3.26
C TRP B 458 -18.91 6.26 3.45
N VAL B 459 -19.60 7.19 2.79
CA VAL B 459 -19.27 8.64 2.86
C VAL B 459 -20.57 9.41 3.07
N TRP B 460 -20.53 10.42 3.95
CA TRP B 460 -21.53 11.51 4.02
C TRP B 460 -20.82 12.79 3.61
N GLN B 461 -21.42 13.56 2.70
N GLN B 461 -21.42 13.55 2.68
CA GLN B 461 -20.87 14.83 2.19
CA GLN B 461 -20.87 14.84 2.20
C GLN B 461 -22.02 15.72 1.68
C GLN B 461 -22.02 15.72 1.69
N GLU B 462 -21.95 17.02 1.98
CA GLU B 462 -22.87 18.05 1.45
C GLU B 462 -22.04 19.25 1.01
N PRO B 463 -22.35 19.85 -0.17
CA PRO B 463 -21.63 21.04 -0.63
C PRO B 463 -21.62 22.14 0.44
N ASP B 464 -20.48 22.81 0.60
N ASP B 464 -20.52 22.88 0.56
CA ASP B 464 -20.30 24.00 1.46
CA ASP B 464 -20.34 24.03 1.49
C ASP B 464 -20.57 23.62 2.93
C ASP B 464 -20.66 23.59 2.93
N SER B 465 -20.30 22.37 3.31
CA SER B 465 -20.47 21.83 4.69
C SER B 465 -19.15 21.17 5.14
N TYR B 466 -18.61 21.64 6.27
CA TYR B 466 -17.28 21.28 6.79
C TYR B 466 -17.44 20.65 8.16
N PRO B 467 -17.47 19.29 8.25
CA PRO B 467 -17.71 18.59 9.50
C PRO B 467 -16.47 18.47 10.40
N SER B 468 -16.69 17.98 11.63
CA SER B 468 -15.66 17.70 12.66
C SER B 468 -15.49 16.19 12.80
N GLU B 469 -14.49 15.77 13.58
CA GLU B 469 -14.30 14.36 13.99
C GLU B 469 -15.65 13.76 14.34
N PRO B 470 -15.99 12.57 13.79
CA PRO B 470 -17.22 11.87 14.18
C PRO B 470 -16.98 11.08 15.46
N ILE B 471 -17.87 11.17 16.44
CA ILE B 471 -17.79 10.38 17.70
C ILE B 471 -18.93 9.36 17.71
N PHE B 472 -18.61 8.09 17.94
CA PHE B 472 -19.58 6.96 17.93
C PHE B 472 -20.26 6.86 19.30
N VAL B 473 -21.59 6.73 19.30
CA VAL B 473 -22.39 6.41 20.51
C VAL B 473 -23.23 5.16 20.21
N SER B 474 -22.99 4.08 20.96
CA SER B 474 -23.73 2.79 20.86
C SER B 474 -25.19 2.98 21.25
N HIS B 475 -26.09 2.32 20.54
CA HIS B 475 -27.48 2.02 20.96
C HIS B 475 -27.40 1.19 22.23
N PRO B 476 -28.18 1.53 23.29
CA PRO B 476 -28.10 0.80 24.57
C PRO B 476 -28.36 -0.71 24.46
N ASP B 477 -29.09 -1.15 23.43
CA ASP B 477 -29.44 -2.58 23.19
C ASP B 477 -28.69 -3.10 21.96
N ALA B 478 -27.49 -2.56 21.68
CA ALA B 478 -26.65 -2.91 20.51
C ALA B 478 -26.24 -4.38 20.56
N LEU B 479 -26.40 -5.08 19.45
CA LEU B 479 -25.91 -6.47 19.23
C LEU B 479 -24.63 -6.45 18.38
N GLU B 480 -24.61 -5.58 17.37
N GLU B 480 -24.59 -5.56 17.38
CA GLU B 480 -23.47 -5.45 16.41
CA GLU B 480 -23.49 -5.43 16.39
C GLU B 480 -22.53 -4.34 16.88
C GLU B 480 -22.60 -4.22 16.73
N GLU B 481 -21.35 -4.26 16.27
CA GLU B 481 -20.29 -3.25 16.56
C GLU B 481 -20.74 -1.85 16.15
N ASP B 482 -21.55 -1.73 15.08
CA ASP B 482 -21.94 -0.44 14.46
C ASP B 482 -23.44 -0.18 14.64
N ASP B 483 -24.06 -0.75 15.68
CA ASP B 483 -25.44 -0.41 16.14
C ASP B 483 -25.38 0.85 17.00
N GLY B 484 -25.56 2.02 16.37
CA GLY B 484 -25.50 3.31 17.05
C GLY B 484 -25.47 4.46 16.07
N VAL B 485 -25.01 5.63 16.52
CA VAL B 485 -24.92 6.87 15.70
C VAL B 485 -23.50 7.40 15.80
N VAL B 486 -23.11 8.26 14.86
CA VAL B 486 -21.93 9.16 15.02
C VAL B 486 -22.45 10.60 15.08
N LEU B 487 -21.83 11.40 15.94
CA LEU B 487 -22.12 12.85 16.11
C LEU B 487 -20.95 13.63 15.51
N SER B 488 -21.24 14.65 14.71
CA SER B 488 -20.26 15.57 14.11
C SER B 488 -20.81 17.00 14.18
N VAL B 489 -19.95 17.97 14.49
CA VAL B 489 -20.29 19.42 14.43
C VAL B 489 -19.91 19.94 13.05
N VAL B 490 -20.87 20.53 12.32
CA VAL B 490 -20.74 20.93 10.90
C VAL B 490 -20.89 22.45 10.77
N VAL B 491 -19.96 23.09 10.07
CA VAL B 491 -20.02 24.53 9.67
C VAL B 491 -20.56 24.59 8.24
N SER B 492 -21.60 25.39 8.01
CA SER B 492 -22.32 25.50 6.71
C SER B 492 -22.69 26.95 6.43
N PRO B 493 -21.71 27.85 6.17
CA PRO B 493 -21.98 29.28 6.07
C PRO B 493 -22.55 29.76 4.72
N GLY B 494 -23.41 28.98 4.06
CA GLY B 494 -24.12 29.37 2.82
C GLY B 494 -24.96 30.62 3.00
N ALA B 495 -25.21 31.34 1.90
CA ALA B 495 -25.87 32.67 1.85
C ALA B 495 -27.18 32.65 2.64
N GLY B 496 -28.06 31.67 2.34
CA GLY B 496 -29.36 31.50 3.00
C GLY B 496 -29.45 30.15 3.71
N GLN B 497 -28.67 29.97 4.78
CA GLN B 497 -28.60 28.72 5.58
C GLN B 497 -28.24 29.06 7.04
N LYS B 498 -28.57 28.15 7.97
CA LYS B 498 -28.09 28.20 9.38
C LYS B 498 -26.58 27.99 9.36
N PRO B 499 -25.79 28.82 10.06
CA PRO B 499 -24.33 28.80 9.93
C PRO B 499 -23.60 27.55 10.44
N ALA B 500 -24.24 26.75 11.31
CA ALA B 500 -23.65 25.54 11.91
C ALA B 500 -24.74 24.61 12.45
N TYR B 501 -24.42 23.32 12.62
CA TYR B 501 -25.35 22.32 13.17
C TYR B 501 -24.61 21.09 13.69
N LEU B 502 -25.22 20.45 14.68
CA LEU B 502 -24.88 19.09 15.16
C LEU B 502 -25.51 18.10 14.17
N LEU B 503 -24.70 17.25 13.54
CA LEU B 503 -25.14 16.21 12.59
C LEU B 503 -25.17 14.87 13.32
N ILE B 504 -26.27 14.13 13.20
CA ILE B 504 -26.40 12.73 13.69
C ILE B 504 -26.57 11.82 12.47
N LEU B 505 -25.62 10.89 12.29
CA LEU B 505 -25.68 9.85 11.22
C LEU B 505 -25.91 8.50 11.87
N ASN B 506 -26.65 7.62 11.19
CA ASN B 506 -26.74 6.19 11.50
C ASN B 506 -25.37 5.57 11.23
N ALA B 507 -24.77 4.90 12.23
CA ALA B 507 -23.42 4.30 12.16
C ALA B 507 -23.40 3.15 11.15
N LYS B 508 -24.56 2.56 10.83
CA LYS B 508 -24.68 1.42 9.87
C LYS B 508 -24.21 1.81 8.48
N ASP B 509 -24.69 2.95 7.96
CA ASP B 509 -24.49 3.34 6.54
C ASP B 509 -24.18 4.84 6.39
N LEU B 510 -23.96 5.56 7.50
CA LEU B 510 -23.76 7.04 7.54
C LEU B 510 -24.92 7.78 6.86
N SER B 511 -26.14 7.25 6.91
CA SER B 511 -27.39 7.95 6.48
C SER B 511 -27.77 8.95 7.58
N GLU B 512 -28.24 10.13 7.18
CA GLU B 512 -28.59 11.24 8.09
C GLU B 512 -29.82 10.85 8.92
N VAL B 513 -29.74 11.05 10.24
CA VAL B 513 -30.82 10.73 11.22
C VAL B 513 -31.45 12.04 11.69
N ALA B 514 -30.64 13.08 11.93
CA ALA B 514 -31.10 14.39 12.43
C ALA B 514 -30.00 15.45 12.28
N ARG B 515 -30.41 16.71 12.37
CA ARG B 515 -29.52 17.87 12.64
C ARG B 515 -30.12 18.70 13.78
N ALA B 516 -29.26 19.32 14.58
CA ALA B 516 -29.61 20.35 15.57
C ALA B 516 -28.92 21.65 15.15
N GLU B 517 -29.67 22.56 14.53
CA GLU B 517 -29.15 23.79 13.89
C GLU B 517 -29.07 24.92 14.93
N VAL B 518 -28.00 25.71 14.86
CA VAL B 518 -27.80 26.94 15.67
C VAL B 518 -27.59 28.11 14.70
N GLU B 519 -27.82 29.35 15.18
CA GLU B 519 -27.82 30.58 14.34
C GLU B 519 -26.50 31.34 14.52
N ILE B 520 -25.47 30.69 15.06
CA ILE B 520 -24.13 31.28 15.32
C ILE B 520 -23.06 30.38 14.70
N ASN B 521 -21.89 30.95 14.38
CA ASN B 521 -20.75 30.18 13.83
C ASN B 521 -20.17 29.30 14.94
N ILE B 522 -19.59 28.16 14.56
CA ILE B 522 -18.78 27.28 15.46
C ILE B 522 -17.42 27.08 14.79
N PRO B 523 -16.30 27.48 15.41
CA PRO B 523 -14.98 27.29 14.80
C PRO B 523 -14.61 25.79 14.84
N VAL B 524 -13.49 25.46 14.21
CA VAL B 524 -12.93 24.08 14.15
C VAL B 524 -12.82 23.52 15.57
N THR B 525 -13.18 22.25 15.76
CA THR B 525 -12.87 21.47 16.99
C THR B 525 -12.04 20.25 16.58
N PHE B 526 -11.17 19.81 17.49
CA PHE B 526 -10.22 18.68 17.23
C PHE B 526 -10.84 17.39 17.77
N HIS B 527 -10.92 17.27 19.09
CA HIS B 527 -11.31 16.02 19.79
C HIS B 527 -12.36 16.30 20.86
N GLY B 528 -12.99 15.23 21.35
CA GLY B 528 -13.99 15.31 22.42
C GLY B 528 -14.47 13.94 22.83
N LEU B 529 -15.60 13.89 23.53
CA LEU B 529 -16.23 12.64 24.00
C LEU B 529 -17.73 12.86 24.14
N PHE B 530 -18.49 11.77 24.17
CA PHE B 530 -19.91 11.76 24.59
C PHE B 530 -19.96 11.27 26.03
N LYS B 531 -20.46 12.12 26.93
CA LYS B 531 -20.68 11.82 28.37
C LYS B 531 -22.14 11.42 28.54
N LYS B 532 -22.40 10.14 28.77
CA LYS B 532 -23.77 9.59 28.97
C LYS B 532 -24.29 10.05 30.35
N SER B 533 -25.58 10.37 30.44
CA SER B 533 -26.28 10.71 31.70
C SER B 533 -27.68 10.08 31.70
#